data_9Q8Z
#
_entry.id   9Q8Z
#
_cell.length_a   1.00
_cell.length_b   1.00
_cell.length_c   1.00
_cell.angle_alpha   90.00
_cell.angle_beta   90.00
_cell.angle_gamma   90.00
#
_symmetry.space_group_name_H-M   'P 1'
#
loop_
_entity.id
_entity.type
_entity.pdbx_description
1 polymer 'Chondroitin sulfate synthase 2'
2 polymer 'Chondroitin sulfate synthase 3'
3 non-polymer 2-acetamido-2-deoxy-beta-D-glucopyranose
4 non-polymer "URIDINE-5'-DIPHOSPHATE"
5 non-polymer 'MANGANESE (II) ION'
#
loop_
_entity_poly.entity_id
_entity_poly.type
_entity_poly.pdbx_seq_one_letter_code
_entity_poly.pdbx_strand_id
1 'polypeptide(L)'
;GPGGSTGGENWEPRVLPYHPAQPGQAAKKAVRTRYISTELGIRQRLLVAVLTSQTTLPTLGVAVNRTLGHRLERVVFLTG
ARGRRAPPGMAVVTLGEERPIGHLHLALRHLLEQHGDDFDWFFLVPDTTYTEAHGLARLTGHLSLASAAHLYLGRPQDFI
GGEPTPGRYCHGGFGVLLSRMLLQQLRPHLEGCRNDIVSARPDEWLGRCILDATGVGCTGDHEGVHYSHLELSPGEPVQE
GDPHFRSALTAHPVRDPVHMYQLHKAFARAELERTYQEIQELQWEIQNTSHLAVDGDQAAAWPVGIPAPSRPASRFEVLR
WDYFTEQHAFSCADGSPRCPLRGADRADVADVLGTALEELNRRYHPALRLQKQQLVNGYRRFDPARGMEYTLDLQLEALT
PQGGRRPLTRRVQLLRPLSRVEILPVPYVTEASRLTVLLPLAAAERDLAPGFLEAFATAALEPGDAAAALTLLLLYEPRQ
AQRVAHADVFAPVKAHVAELERRFPGARVPWLSVQTAAPSPLRLMDLLSKKHPLDTLFLLAGPDTVLTPDFLNRCRMHAI
SGWQAFFPMHFQAFHPAVAPPQGPGPPELGRDTGRFDRQAASEACFYNSDYVAARGRLAAASEQEEELLESLDVYELFLH
FSSLHVLRAVEPALLQRYRAQTCSARLSEDLYHRCLQSVLEGLGSRTQLAMLLFEQEQGNSTGTLEVLFQ
;
A
2 'polypeptide(L)'
;GPGGSTGSGDGGAAAPSARPRDFLYVGVMTAQKYLGSRALAAQRTWARFIPGRVEFFSSQQPPNAGQPPPPLPVIALPGV
DDSYPPQKKSFMMIKYMHDHYLDKYEWFMRADDDVYIKGDKLEEFLRSLNSSKPLYLGQTGLGNIEELGKLGLEPGENFC
MGGPGMIFSREVLRRMVPHIGECLREMYTTHEDVEVGRCVRRFGGTQCVWSYEMQQLFHENYEHNRKGYIQDLHNSKIHA
AITLHPNKRPAYQYRLHNYMLSRKISELRYRTIQLHRESALMSKLSNTEVSKEDQQLGVIPSFNHFQPRERNEVIEWEFL
TGKLLYSAAENQPPRQSLSSILRTALDDTVLQVMEMINENAKSRGRLIDFKEIQYGYRRVNPMHGVEYILDLLLLYKRHK
GRKLTVPVRRHAYLQQLFSKPFFRETEELDVNSLVESINSETQSFSFISNSLKILSSFQGAKEMGGHNEKKVHILVPLIG
RYDIFLRFMENFENMCLIPKQNVKLVIILFSRDSGQDSSKHIELIKGYQNKYPKAEMTLIPMKGEFSRGLGLEMASAQFD
NDTLLLFCDVDLIFREDFLQRCRDNTIQGQQVYYPIIFSQYDPKVTNGGNPPTDDYFIFSKKTGFWRDYGYGITCIYKSD
LLGAGGFDTSIQGWGLEDVDLYNKVILSGLRPFRSQEVGVVHIFHPVHCDPNLDPKQYKMCLGSKASTFASTMQLAELWL
EKHLGVRYNRTLSGTGSGLNDIFEAQKIEWHEG
;
B
#
loop_
_chem_comp.id
_chem_comp.type
_chem_comp.name
_chem_comp.formula
MN non-polymer 'MANGANESE (II) ION' 'Mn 2'
NAG D-saccharide, beta linking 2-acetamido-2-deoxy-beta-D-glucopyranose 'C8 H15 N O6'
UDP RNA linking URIDINE-5'-DIPHOSPHATE 'C9 H14 N2 O12 P2'
#
# COMPACT_ATOMS: atom_id res chain seq x y z
N VAL A 31 41.22 -0.09 8.99
CA VAL A 31 40.08 0.33 9.81
C VAL A 31 38.81 0.37 8.96
N ARG A 32 37.75 -0.26 9.46
CA ARG A 32 36.48 -0.36 8.75
C ARG A 32 35.37 0.21 9.61
N THR A 33 34.42 0.89 8.96
CA THR A 33 33.33 1.56 9.65
C THR A 33 32.00 0.93 9.26
N ARG A 34 31.03 1.04 10.17
CA ARG A 34 29.70 0.50 9.91
C ARG A 34 28.91 1.35 8.92
N TYR A 35 29.28 2.62 8.75
CA TYR A 35 28.52 3.52 7.89
C TYR A 35 29.47 4.31 6.99
N ILE A 36 28.96 4.64 5.80
CA ILE A 36 29.73 5.41 4.83
C ILE A 36 29.97 6.85 5.28
N SER A 37 29.11 7.37 6.15
CA SER A 37 29.20 8.78 6.53
C SER A 37 30.50 9.10 7.24
N THR A 38 30.91 8.24 8.18
CA THR A 38 32.15 8.48 8.90
C THR A 38 33.36 8.37 7.99
N GLU A 39 33.36 7.39 7.08
CA GLU A 39 34.52 7.17 6.23
C GLU A 39 34.67 8.29 5.20
N LEU A 40 33.59 8.66 4.53
CA LEU A 40 33.66 9.64 3.46
C LEU A 40 33.40 11.07 3.92
N GLY A 41 33.14 11.28 5.20
CA GLY A 41 32.85 12.62 5.69
C GLY A 41 31.61 13.23 5.09
N ILE A 42 30.55 12.43 4.95
CA ILE A 42 29.31 12.91 4.33
C ILE A 42 28.55 13.76 5.34
N ARG A 43 28.22 14.98 4.95
CA ARG A 43 27.44 15.89 5.77
C ARG A 43 25.97 15.87 5.33
N GLN A 44 25.12 16.45 6.18
CA GLN A 44 23.72 16.58 5.83
C GLN A 44 23.57 17.54 4.65
N ARG A 45 22.50 17.32 3.87
CA ARG A 45 22.37 18.03 2.60
C ARG A 45 22.10 19.51 2.81
N LEU A 46 20.99 19.85 3.45
CA LEU A 46 20.53 21.23 3.51
C LEU A 46 20.08 21.59 4.91
N LEU A 47 20.31 22.86 5.27
CA LEU A 47 19.78 23.45 6.49
C LEU A 47 19.09 24.76 6.12
N VAL A 48 17.87 24.94 6.61
CA VAL A 48 17.08 26.13 6.33
C VAL A 48 17.05 26.98 7.59
N ALA A 49 17.45 28.25 7.45
CA ALA A 49 17.52 29.19 8.56
C ALA A 49 16.50 30.29 8.31
N VAL A 50 15.30 30.11 8.86
CA VAL A 50 14.24 31.09 8.70
C VAL A 50 14.49 32.28 9.62
N LEU A 51 14.50 33.48 9.04
CA LEU A 51 14.68 34.70 9.80
C LEU A 51 13.32 35.28 10.17
N THR A 52 13.11 35.54 11.47
CA THR A 52 11.85 36.07 11.95
C THR A 52 12.13 37.09 13.04
N SER A 53 11.06 37.66 13.59
CA SER A 53 11.14 38.64 14.65
C SER A 53 10.19 38.24 15.77
N GLN A 54 10.17 39.05 16.83
CA GLN A 54 9.32 38.76 17.98
C GLN A 54 7.85 38.79 17.60
N THR A 55 7.42 39.81 16.85
CA THR A 55 6.02 39.92 16.47
C THR A 55 5.64 38.93 15.40
N THR A 56 6.52 38.69 14.42
CA THR A 56 6.19 37.86 13.28
C THR A 56 6.40 36.37 13.55
N LEU A 57 6.90 35.99 14.72
CA LEU A 57 7.09 34.57 14.99
C LEU A 57 5.77 33.83 15.16
N PRO A 58 4.92 34.16 16.14
CA PRO A 58 3.78 33.28 16.46
C PRO A 58 2.78 33.12 15.34
N THR A 59 2.81 33.96 14.30
CA THR A 59 1.92 33.80 13.16
C THR A 59 2.69 33.39 11.89
N LEU A 60 3.64 34.22 11.45
CA LEU A 60 4.32 33.93 10.20
C LEU A 60 5.33 32.79 10.37
N GLY A 61 6.04 32.76 11.49
CA GLY A 61 6.95 31.65 11.74
C GLY A 61 6.22 30.33 11.85
N VAL A 62 5.06 30.34 12.51
CA VAL A 62 4.27 29.12 12.63
C VAL A 62 3.74 28.69 11.27
N ALA A 63 3.31 29.65 10.45
CA ALA A 63 2.88 29.30 9.09
C ALA A 63 4.02 28.70 8.28
N VAL A 64 5.21 29.28 8.39
CA VAL A 64 6.37 28.73 7.68
C VAL A 64 6.68 27.33 8.16
N ASN A 65 6.61 27.11 9.48
CA ASN A 65 6.88 25.79 10.02
C ASN A 65 5.87 24.77 9.50
N ARG A 66 4.59 25.13 9.51
CA ARG A 66 3.55 24.19 9.08
C ARG A 66 3.57 23.97 7.58
N THR A 67 4.13 24.88 6.80
CA THR A 67 4.22 24.69 5.35
C THR A 67 5.53 24.11 4.89
N LEU A 68 6.57 24.12 5.71
CA LEU A 68 7.89 23.72 5.23
C LEU A 68 8.57 22.67 6.10
N GLY A 69 8.39 22.72 7.42
CA GLY A 69 9.20 21.90 8.31
C GLY A 69 8.90 20.42 8.23
N HIS A 70 7.69 20.05 7.83
CA HIS A 70 7.36 18.63 7.75
C HIS A 70 7.83 17.98 6.46
N ARG A 71 8.34 18.76 5.50
CA ARG A 71 8.86 18.23 4.26
C ARG A 71 10.37 18.32 4.17
N LEU A 72 11.05 18.84 5.19
CA LEU A 72 12.48 19.02 5.21
C LEU A 72 13.10 18.25 6.37
N GLU A 73 14.41 18.40 6.52
CA GLU A 73 15.18 17.69 7.54
C GLU A 73 15.44 18.55 8.77
N ARG A 74 16.10 19.69 8.58
CA ARG A 74 16.46 20.57 9.69
C ARG A 74 16.05 22.00 9.34
N VAL A 75 15.20 22.58 10.18
CA VAL A 75 14.76 23.96 10.03
C VAL A 75 15.06 24.70 11.33
N VAL A 76 15.77 25.82 11.22
CA VAL A 76 16.15 26.64 12.36
C VAL A 76 15.54 28.02 12.20
N PHE A 77 14.87 28.49 13.25
CA PHE A 77 14.19 29.79 13.23
C PHE A 77 14.99 30.77 14.08
N LEU A 78 15.44 31.85 13.47
CA LEU A 78 16.23 32.88 14.13
C LEU A 78 15.36 34.09 14.36
N THR A 79 15.21 34.49 15.63
CA THR A 79 14.41 35.65 16.00
C THR A 79 15.23 36.59 16.85
N GLY A 80 14.93 37.89 16.73
CA GLY A 80 15.67 38.88 17.50
C GLY A 80 15.42 38.76 18.99
N ALA A 81 14.18 38.56 19.39
CA ALA A 81 13.83 38.41 20.80
C ALA A 81 12.69 37.40 20.93
N ARG A 82 12.64 36.76 22.08
CA ARG A 82 11.60 35.78 22.38
C ARG A 82 10.59 36.44 23.32
N GLY A 83 9.43 36.80 22.77
CA GLY A 83 8.40 37.46 23.56
C GLY A 83 7.57 36.49 24.38
N ARG A 84 6.89 35.57 23.71
CA ARG A 84 6.11 34.54 24.36
C ARG A 84 6.92 33.25 24.43
N ARG A 85 6.28 32.19 24.91
CA ARG A 85 6.94 30.89 24.98
C ARG A 85 7.18 30.35 23.58
N ALA A 86 8.27 29.62 23.43
CA ALA A 86 8.62 29.06 22.13
C ALA A 86 7.55 28.07 21.68
N PRO A 87 7.08 28.14 20.44
CA PRO A 87 6.06 27.20 19.99
C PRO A 87 6.58 25.77 20.03
N PRO A 88 5.72 24.80 20.32
CA PRO A 88 6.18 23.41 20.41
C PRO A 88 6.72 22.92 19.08
N GLY A 89 7.77 22.09 19.15
CA GLY A 89 8.37 21.54 17.95
C GLY A 89 8.99 22.55 17.03
N MET A 90 9.34 23.73 17.53
CA MET A 90 9.89 24.82 16.74
C MET A 90 11.27 25.14 17.28
N ALA A 91 12.30 25.04 16.43
CA ALA A 91 13.68 25.29 16.83
C ALA A 91 13.93 26.80 16.84
N VAL A 92 13.29 27.46 17.80
CA VAL A 92 13.42 28.91 17.94
C VAL A 92 14.73 29.22 18.65
N VAL A 93 15.49 30.16 18.09
CA VAL A 93 16.77 30.59 18.66
C VAL A 93 16.69 32.09 18.90
N THR A 94 17.04 32.50 20.12
CA THR A 94 17.03 33.92 20.48
C THR A 94 18.37 34.55 20.10
N LEU A 95 18.31 35.62 19.31
CA LEU A 95 19.51 36.26 18.79
C LEU A 95 19.96 37.43 19.68
N GLY A 96 19.10 38.43 19.85
CA GLY A 96 19.42 39.51 20.76
C GLY A 96 19.07 40.91 20.27
N GLU A 97 19.09 41.12 18.95
CA GLU A 97 18.89 42.45 18.39
C GLU A 97 17.84 42.38 17.28
N GLU A 98 17.06 43.47 17.17
CA GLU A 98 15.99 43.56 16.19
C GLU A 98 16.36 44.34 14.93
N ARG A 99 17.47 45.07 14.93
CA ARG A 99 17.89 45.80 13.73
C ARG A 99 18.25 44.82 12.63
N PRO A 100 17.72 44.99 11.41
CA PRO A 100 17.91 43.95 10.38
C PRO A 100 19.35 43.64 10.06
N ILE A 101 20.22 44.64 10.02
CA ILE A 101 21.64 44.37 9.72
C ILE A 101 22.27 43.59 10.86
N GLY A 102 22.07 44.05 12.09
CA GLY A 102 22.58 43.31 13.24
C GLY A 102 21.94 41.95 13.39
N HIS A 103 20.65 41.85 13.05
CA HIS A 103 19.96 40.56 13.10
C HIS A 103 20.59 39.57 12.13
N LEU A 104 20.87 40.02 10.91
CA LEU A 104 21.50 39.14 9.92
C LEU A 104 22.92 38.78 10.36
N HIS A 105 23.67 39.75 10.90
CA HIS A 105 25.02 39.47 11.35
C HIS A 105 25.03 38.41 12.45
N LEU A 106 24.13 38.55 13.43
CA LEU A 106 24.05 37.56 14.50
C LEU A 106 23.54 36.22 14.00
N ALA A 107 22.63 36.22 13.03
CA ALA A 107 22.17 34.96 12.46
C ALA A 107 23.30 34.22 11.76
N LEU A 108 24.12 34.94 11.01
CA LEU A 108 25.28 34.32 10.37
C LEU A 108 26.27 33.83 11.41
N ARG A 109 26.47 34.60 12.48
CA ARG A 109 27.37 34.18 13.54
C ARG A 109 26.88 32.88 14.18
N HIS A 110 25.58 32.77 14.43
CA HIS A 110 25.03 31.54 14.99
C HIS A 110 25.15 30.38 14.02
N LEU A 111 24.83 30.61 12.74
CA LEU A 111 24.91 29.56 11.75
C LEU A 111 26.34 29.08 11.56
N LEU A 112 27.32 29.92 11.86
CA LEU A 112 28.71 29.50 11.77
C LEU A 112 29.15 28.76 13.03
N GLU A 113 28.83 29.32 14.21
CA GLU A 113 29.22 28.70 15.47
C GLU A 113 28.54 27.34 15.64
N GLN A 114 27.21 27.34 15.77
CA GLN A 114 26.49 26.08 15.79
C GLN A 114 26.26 25.60 14.36
N HIS A 115 25.85 24.34 14.23
CA HIS A 115 25.70 23.72 12.91
C HIS A 115 27.00 23.87 12.13
N GLY A 116 27.09 24.88 11.29
CA GLY A 116 28.33 25.21 10.62
C GLY A 116 28.83 24.13 9.69
N ASP A 117 29.91 23.45 10.07
CA ASP A 117 30.46 22.40 9.22
C ASP A 117 29.72 21.09 9.43
N ASP A 118 28.38 21.13 9.39
CA ASP A 118 27.55 19.94 9.39
C ASP A 118 26.65 19.86 8.16
N PHE A 119 26.52 20.93 7.39
CA PHE A 119 25.66 20.98 6.23
C PHE A 119 26.43 21.51 5.04
N ASP A 120 25.99 21.10 3.84
CA ASP A 120 26.62 21.57 2.62
C ASP A 120 26.01 22.85 2.08
N TRP A 121 24.73 23.09 2.34
CA TRP A 121 24.04 24.27 1.85
C TRP A 121 23.21 24.88 2.96
N PHE A 122 23.18 26.22 3.01
CA PHE A 122 22.40 26.96 3.97
C PHE A 122 21.42 27.87 3.23
N PHE A 123 20.17 27.86 3.65
CA PHE A 123 19.13 28.67 3.02
C PHE A 123 18.62 29.68 4.05
N LEU A 124 18.92 30.95 3.81
CA LEU A 124 18.45 32.04 4.66
C LEU A 124 17.22 32.66 4.00
N VAL A 125 16.07 32.55 4.65
CA VAL A 125 14.82 33.03 4.08
C VAL A 125 14.00 33.73 5.16
N PRO A 126 13.49 34.93 4.89
CA PRO A 126 12.63 35.60 5.87
C PRO A 126 11.28 34.91 5.99
N ASP A 127 10.57 35.26 7.07
CA ASP A 127 9.26 34.67 7.32
C ASP A 127 8.27 35.03 6.22
N THR A 128 8.44 36.20 5.60
CA THR A 128 7.50 36.71 4.61
C THR A 128 7.73 36.11 3.22
N THR A 129 8.43 34.99 3.12
CA THR A 129 8.68 34.33 1.84
C THR A 129 8.37 32.85 1.98
N TYR A 130 7.40 32.38 1.20
CA TYR A 130 7.09 30.96 1.18
C TYR A 130 8.22 30.17 0.52
N THR A 131 8.44 28.96 1.01
CA THR A 131 9.46 28.07 0.46
C THR A 131 8.79 26.80 -0.06
N GLU A 132 9.22 26.35 -1.23
CA GLU A 132 8.59 25.23 -1.90
C GLU A 132 8.98 23.89 -1.29
N ALA A 133 10.09 23.84 -0.55
CA ALA A 133 10.57 22.62 0.09
C ALA A 133 10.99 21.57 -0.93
N HIS A 134 10.05 21.05 -1.72
CA HIS A 134 10.39 20.05 -2.72
C HIS A 134 11.30 20.64 -3.79
N GLY A 135 10.97 21.83 -4.28
CA GLY A 135 11.82 22.48 -5.26
C GLY A 135 13.18 22.83 -4.71
N LEU A 136 13.23 23.29 -3.46
CA LEU A 136 14.50 23.59 -2.83
C LEU A 136 15.36 22.34 -2.69
N ALA A 137 14.75 21.22 -2.29
CA ALA A 137 15.49 19.97 -2.18
C ALA A 137 16.01 19.50 -3.54
N ARG A 138 15.17 19.61 -4.58
CA ARG A 138 15.62 19.25 -5.92
C ARG A 138 16.78 20.13 -6.37
N LEU A 139 16.69 21.43 -6.11
CA LEU A 139 17.78 22.33 -6.44
C LEU A 139 19.06 21.93 -5.73
N THR A 140 19.00 21.77 -4.40
CA THR A 140 20.19 21.41 -3.64
C THR A 140 20.77 20.09 -4.09
N GLY A 141 19.92 19.16 -4.52
CA GLY A 141 20.42 17.93 -5.12
C GLY A 141 20.91 18.07 -6.54
N HIS A 142 20.65 19.21 -7.17
CA HIS A 142 21.09 19.44 -8.54
C HIS A 142 22.44 20.16 -8.64
N LEU A 143 23.10 20.45 -7.52
CA LEU A 143 24.46 20.96 -7.57
C LEU A 143 25.42 19.97 -6.93
N SER A 144 26.64 19.92 -7.46
CA SER A 144 27.70 19.08 -6.95
C SER A 144 28.65 19.91 -6.10
N LEU A 145 29.28 19.23 -5.13
CA LEU A 145 30.19 19.94 -4.23
C LEU A 145 31.41 20.47 -4.98
N ALA A 146 31.92 19.70 -5.94
CA ALA A 146 33.13 20.11 -6.65
C ALA A 146 32.90 21.37 -7.47
N SER A 147 31.74 21.46 -8.14
CA SER A 147 31.48 22.60 -9.02
C SER A 147 31.11 23.84 -8.21
N ALA A 148 30.03 23.77 -7.45
CA ALA A 148 29.55 24.92 -6.68
C ALA A 148 30.14 24.92 -5.28
N ALA A 149 31.46 25.08 -5.23
CA ALA A 149 32.14 25.14 -3.93
C ALA A 149 31.83 26.43 -3.21
N HIS A 150 31.85 27.56 -3.92
CA HIS A 150 31.58 28.88 -3.36
C HIS A 150 30.44 29.49 -4.15
N LEU A 151 29.21 29.27 -3.69
CA LEU A 151 28.02 29.71 -4.39
C LEU A 151 27.25 30.72 -3.56
N TYR A 152 26.75 31.76 -4.23
CA TYR A 152 25.90 32.80 -3.64
C TYR A 152 24.63 32.84 -4.49
N LEU A 153 23.66 31.99 -4.14
CA LEU A 153 22.49 31.78 -4.98
C LEU A 153 21.34 32.69 -4.56
N GLY A 154 20.61 33.17 -5.55
CA GLY A 154 19.47 34.02 -5.29
C GLY A 154 19.14 34.86 -6.52
N ARG A 155 18.10 35.65 -6.38
CA ARG A 155 17.71 36.56 -7.46
C ARG A 155 18.70 37.70 -7.53
N PRO A 156 19.39 37.90 -8.65
CA PRO A 156 20.36 39.00 -8.73
C PRO A 156 19.68 40.35 -8.65
N GLN A 157 20.41 41.31 -8.08
CA GLN A 157 19.92 42.68 -7.96
C GLN A 157 21.11 43.63 -8.09
N ASP A 158 20.91 44.71 -8.84
CA ASP A 158 21.99 45.64 -9.10
C ASP A 158 22.37 46.42 -7.85
N PHE A 159 23.64 46.77 -7.76
CA PHE A 159 24.17 47.50 -6.62
C PHE A 159 23.79 48.97 -6.70
N ILE A 160 23.94 49.67 -5.58
CA ILE A 160 23.64 51.08 -5.53
C ILE A 160 24.44 51.75 -4.40
N PRO A 164 29.62 51.01 -8.08
CA PRO A 164 30.54 51.01 -9.22
C PRO A 164 30.94 49.61 -9.65
N THR A 165 30.96 48.67 -8.71
CA THR A 165 31.33 47.31 -9.00
C THR A 165 30.25 46.65 -9.87
N PRO A 166 30.62 45.95 -10.95
CA PRO A 166 29.62 45.29 -11.78
C PRO A 166 28.97 44.07 -11.13
N GLY A 167 29.39 43.70 -9.93
CA GLY A 167 28.77 42.57 -9.25
C GLY A 167 27.37 42.89 -8.78
N ARG A 168 26.61 41.83 -8.53
CA ARG A 168 25.23 41.94 -8.09
C ARG A 168 25.01 41.06 -6.87
N TYR A 169 24.04 41.45 -6.04
CA TYR A 169 23.72 40.74 -4.81
C TYR A 169 22.34 40.11 -4.90
N CYS A 170 22.14 39.07 -4.09
CA CYS A 170 20.87 38.36 -4.07
C CYS A 170 19.83 39.10 -3.25
N HIS A 171 18.61 39.13 -3.76
CA HIS A 171 17.50 39.75 -3.04
C HIS A 171 17.18 38.93 -1.79
N GLY A 172 17.02 39.64 -0.67
CA GLY A 172 16.76 38.95 0.59
C GLY A 172 15.43 38.24 0.62
N GLY A 173 14.41 38.84 0.01
CA GLY A 173 13.07 38.28 0.07
C GLY A 173 12.86 37.04 -0.76
N PHE A 174 13.82 36.67 -1.60
CA PHE A 174 13.70 35.49 -2.46
C PHE A 174 14.56 34.33 -1.96
N GLY A 175 15.10 34.42 -0.75
CA GLY A 175 15.92 33.34 -0.23
C GLY A 175 17.32 33.34 -0.78
N VAL A 176 18.30 32.99 0.05
CA VAL A 176 19.70 32.95 -0.34
C VAL A 176 20.25 31.58 0.02
N LEU A 177 20.83 30.89 -0.96
CA LEU A 177 21.39 29.55 -0.76
C LEU A 177 22.90 29.67 -0.73
N LEU A 178 23.45 29.84 0.47
CA LEU A 178 24.89 29.95 0.64
C LEU A 178 25.54 28.57 0.64
N SER A 179 26.85 28.56 0.49
CA SER A 179 27.65 27.35 0.52
C SER A 179 28.47 27.30 1.80
N ARG A 180 28.79 26.08 2.23
CA ARG A 180 29.55 25.91 3.47
C ARG A 180 30.93 26.58 3.37
N MET A 181 31.62 26.37 2.26
CA MET A 181 32.93 26.99 2.08
C MET A 181 32.82 28.50 2.04
N LEU A 182 31.78 29.03 1.40
CA LEU A 182 31.58 30.47 1.38
C LEU A 182 31.36 31.02 2.77
N LEU A 183 30.57 30.32 3.60
CA LEU A 183 30.35 30.77 4.97
C LEU A 183 31.65 30.71 5.78
N GLN A 184 32.44 29.65 5.59
CA GLN A 184 33.69 29.54 6.32
C GLN A 184 34.64 30.68 5.96
N GLN A 185 34.73 31.02 4.66
CA GLN A 185 35.57 32.14 4.27
C GLN A 185 34.97 33.47 4.73
N LEU A 186 33.65 33.52 4.89
CA LEU A 186 32.98 34.73 5.33
C LEU A 186 33.16 34.98 6.82
N ARG A 187 33.41 33.92 7.59
CA ARG A 187 33.51 34.03 9.04
C ARG A 187 34.47 35.12 9.53
N PRO A 188 35.72 35.22 9.06
CA PRO A 188 36.63 36.22 9.61
C PRO A 188 36.38 37.64 9.13
N HIS A 189 35.32 37.89 8.37
CA HIS A 189 35.00 39.23 7.88
C HIS A 189 33.68 39.77 8.38
N LEU A 190 32.97 39.03 9.25
CA LEU A 190 31.62 39.44 9.65
C LEU A 190 31.65 40.76 10.40
N GLU A 191 32.48 40.86 11.43
CA GLU A 191 32.53 42.10 12.21
C GLU A 191 33.10 43.25 11.38
N GLY A 192 34.06 42.94 10.50
CA GLY A 192 34.61 43.98 9.64
C GLY A 192 33.54 44.57 8.74
N CYS A 193 32.74 43.73 8.10
CA CYS A 193 31.64 44.21 7.27
C CYS A 193 30.61 44.96 8.12
N ARG A 194 30.35 44.47 9.33
CA ARG A 194 29.35 45.11 10.18
C ARG A 194 29.78 46.52 10.55
N ASN A 195 31.07 46.74 10.77
CA ASN A 195 31.55 47.99 11.34
C ASN A 195 32.06 49.01 10.32
N ASP A 196 32.00 48.72 9.02
CA ASP A 196 32.54 49.67 8.04
C ASP A 196 31.49 50.20 7.07
N ILE A 197 30.74 49.34 6.38
CA ILE A 197 29.83 49.82 5.35
C ILE A 197 28.55 50.36 5.99
N VAL A 198 27.80 51.14 5.21
CA VAL A 198 26.67 51.91 5.74
C VAL A 198 25.41 51.60 4.93
N SER A 199 25.34 50.40 4.36
CA SER A 199 24.19 50.02 3.56
C SER A 199 22.94 49.97 4.43
N ALA A 200 21.79 50.15 3.79
CA ALA A 200 20.51 50.18 4.51
C ALA A 200 19.90 48.78 4.61
N ARG A 201 19.64 48.14 3.48
CA ARG A 201 19.01 46.83 3.49
C ARG A 201 19.98 45.77 3.99
N PRO A 202 19.48 44.73 4.67
CA PRO A 202 20.40 43.69 5.17
C PRO A 202 20.95 42.79 4.07
N ASP A 203 20.13 42.46 3.06
CA ASP A 203 20.63 41.62 1.97
C ASP A 203 21.71 42.33 1.18
N GLU A 204 21.57 43.65 0.99
CA GLU A 204 22.64 44.41 0.35
C GLU A 204 23.91 44.39 1.19
N TRP A 205 23.78 44.46 2.51
CA TRP A 205 24.94 44.33 3.37
C TRP A 205 25.61 42.97 3.22
N LEU A 206 24.81 41.90 3.14
CA LEU A 206 25.37 40.58 2.94
C LEU A 206 26.08 40.48 1.60
N GLY A 207 25.48 41.04 0.55
CA GLY A 207 26.12 41.03 -0.75
C GLY A 207 27.44 41.80 -0.76
N ARG A 208 27.46 42.97 -0.11
CA ARG A 208 28.69 43.73 0.00
C ARG A 208 29.76 42.96 0.75
N CYS A 209 29.38 42.32 1.85
CA CYS A 209 30.36 41.55 2.62
C CYS A 209 30.92 40.39 1.80
N ILE A 210 30.05 39.67 1.10
CA ILE A 210 30.51 38.54 0.28
C ILE A 210 31.44 39.04 -0.82
N LEU A 211 31.07 40.14 -1.48
CA LEU A 211 31.89 40.68 -2.55
C LEU A 211 33.25 41.13 -2.03
N ASP A 212 33.28 41.79 -0.88
CA ASP A 212 34.54 42.31 -0.35
C ASP A 212 35.40 41.24 0.31
N ALA A 213 34.82 40.11 0.70
CA ALA A 213 35.60 39.05 1.33
C ALA A 213 36.09 38.01 0.33
N THR A 214 35.24 37.58 -0.59
CA THR A 214 35.60 36.54 -1.54
C THR A 214 35.60 36.99 -2.98
N GLY A 215 34.69 37.89 -3.36
CA GLY A 215 34.67 38.43 -4.71
C GLY A 215 33.64 37.82 -5.63
N VAL A 216 32.89 36.81 -5.19
CA VAL A 216 31.86 36.19 -6.02
C VAL A 216 30.54 36.88 -5.76
N GLY A 217 29.84 37.24 -6.82
CA GLY A 217 28.55 37.89 -6.73
C GLY A 217 27.42 36.90 -6.61
N CYS A 218 26.22 37.37 -6.96
CA CYS A 218 25.02 36.55 -6.91
C CYS A 218 24.83 35.86 -8.26
N THR A 219 24.92 34.53 -8.26
CA THR A 219 24.73 33.74 -9.47
C THR A 219 23.25 33.43 -9.65
N GLY A 220 22.74 33.63 -10.86
CA GLY A 220 21.35 33.37 -11.16
C GLY A 220 21.00 31.94 -11.46
N ASP A 221 21.99 31.04 -11.53
CA ASP A 221 21.74 29.64 -11.83
C ASP A 221 22.84 28.75 -11.27
N HIS A 226 18.54 26.75 -12.67
CA HIS A 226 18.10 28.14 -12.59
C HIS A 226 17.26 28.38 -11.34
N TYR A 227 17.42 29.56 -10.75
CA TYR A 227 16.67 29.94 -9.55
C TYR A 227 15.33 30.49 -9.98
N SER A 228 14.29 29.66 -9.91
CA SER A 228 12.96 30.03 -10.39
C SER A 228 12.21 30.75 -9.28
N HIS A 229 12.22 32.08 -9.34
CA HIS A 229 11.59 32.91 -8.33
C HIS A 229 10.22 33.36 -8.78
N LEU A 230 9.31 33.49 -7.81
CA LEU A 230 7.94 33.94 -8.06
C LEU A 230 7.68 35.20 -7.24
N GLU A 231 7.30 36.28 -7.92
CA GLU A 231 6.96 37.53 -7.28
C GLU A 231 5.46 37.72 -7.30
N LEU A 232 4.94 38.35 -6.25
CA LEU A 232 3.50 38.54 -6.08
C LEU A 232 3.20 40.02 -5.93
N SER A 233 2.25 40.51 -6.72
CA SER A 233 1.76 41.87 -6.56
C SER A 233 0.97 41.96 -5.24
N PRO A 234 1.03 43.11 -4.57
CA PRO A 234 0.29 43.24 -3.31
C PRO A 234 -1.21 43.07 -3.52
N GLY A 235 -1.84 42.43 -2.54
CA GLY A 235 -3.27 42.18 -2.63
C GLY A 235 -3.66 41.26 -3.77
N GLU A 236 -2.91 40.18 -3.97
CA GLU A 236 -3.23 39.30 -5.09
C GLU A 236 -4.00 38.07 -4.62
N PRO A 237 -4.93 37.58 -5.43
CA PRO A 237 -5.57 36.29 -5.13
C PRO A 237 -4.81 35.14 -5.74
N VAL A 238 -4.65 34.07 -4.95
CA VAL A 238 -3.89 32.91 -5.40
C VAL A 238 -4.71 32.18 -6.46
N GLN A 239 -4.21 32.13 -7.69
CA GLN A 239 -4.87 31.47 -8.80
C GLN A 239 -4.21 30.13 -9.01
N GLU A 240 -4.84 29.07 -8.52
CA GLU A 240 -4.30 27.73 -8.67
C GLU A 240 -4.28 27.31 -10.14
N GLY A 241 -3.28 26.52 -10.50
CA GLY A 241 -3.10 26.10 -11.87
C GLY A 241 -2.33 27.06 -12.74
N ASP A 242 -1.88 28.18 -12.19
CA ASP A 242 -1.09 29.13 -12.97
C ASP A 242 0.26 28.50 -13.32
N PRO A 243 0.80 28.79 -14.51
CA PRO A 243 2.08 28.17 -14.89
C PRO A 243 3.23 28.48 -13.96
N HIS A 244 3.25 29.65 -13.31
CA HIS A 244 4.38 29.99 -12.46
C HIS A 244 4.47 29.12 -11.21
N PHE A 245 3.40 28.41 -10.85
CA PHE A 245 3.43 27.52 -9.70
C PHE A 245 4.19 26.24 -9.98
N ARG A 246 4.38 25.87 -11.24
CA ARG A 246 5.04 24.61 -11.56
C ARG A 246 6.54 24.69 -11.29
N SER A 247 7.16 25.82 -11.60
CA SER A 247 8.61 26.01 -11.46
C SER A 247 8.85 27.26 -10.62
N ALA A 248 8.89 27.07 -9.29
CA ALA A 248 9.15 28.16 -8.36
C ALA A 248 9.50 27.61 -6.99
N LEU A 249 10.59 28.09 -6.39
CA LEU A 249 10.99 27.64 -5.07
C LEU A 249 10.75 28.65 -3.97
N THR A 250 10.51 29.92 -4.32
CA THR A 250 10.20 30.94 -3.33
C THR A 250 9.06 31.81 -3.85
N ALA A 251 8.32 32.40 -2.92
CA ALA A 251 7.22 33.31 -3.25
C ALA A 251 7.28 34.49 -2.29
N HIS A 252 7.41 35.70 -2.84
CA HIS A 252 7.55 36.91 -2.05
C HIS A 252 6.70 38.01 -2.65
N PRO A 253 6.05 38.83 -1.82
CA PRO A 253 5.98 38.76 -0.36
C PRO A 253 4.69 38.13 0.15
N VAL A 254 4.73 37.50 1.31
CA VAL A 254 3.55 36.95 1.96
C VAL A 254 3.35 37.70 3.26
N ARG A 255 2.18 38.32 3.42
CA ARG A 255 1.93 39.18 4.57
C ARG A 255 1.00 38.56 5.62
N ASP A 256 0.30 37.49 5.28
CA ASP A 256 -0.60 36.84 6.23
C ASP A 256 -0.37 35.34 6.20
N PRO A 257 -0.62 34.65 7.32
CA PRO A 257 -0.53 33.18 7.31
C PRO A 257 -1.49 32.53 6.33
N VAL A 258 -2.68 33.12 6.13
CA VAL A 258 -3.65 32.54 5.20
C VAL A 258 -3.11 32.54 3.78
N HIS A 259 -2.44 33.64 3.39
CA HIS A 259 -1.82 33.70 2.08
C HIS A 259 -0.77 32.61 1.91
N MET A 260 0.05 32.40 2.95
CA MET A 260 1.04 31.33 2.91
C MET A 260 0.37 29.98 2.76
N TYR A 261 -0.72 29.75 3.49
CA TYR A 261 -1.41 28.46 3.41
C TYR A 261 -1.97 28.23 2.02
N GLN A 262 -2.58 29.26 1.43
CA GLN A 262 -3.12 29.14 0.08
C GLN A 262 -2.02 28.87 -0.94
N LEU A 263 -0.89 29.57 -0.81
CA LEU A 263 0.23 29.32 -1.72
C LEU A 263 0.75 27.89 -1.59
N HIS A 264 0.83 27.40 -0.35
CA HIS A 264 1.29 26.02 -0.16
C HIS A 264 0.32 25.03 -0.77
N LYS A 265 -0.99 25.28 -0.65
CA LYS A 265 -1.97 24.40 -1.27
C LYS A 265 -1.83 24.40 -2.79
N ALA A 266 -1.64 25.58 -3.39
CA ALA A 266 -1.49 25.65 -4.83
C ALA A 266 -0.24 24.90 -5.30
N PHE A 267 0.87 25.09 -4.58
CA PHE A 267 2.10 24.38 -4.94
C PHE A 267 1.96 22.88 -4.75
N ALA A 268 1.19 22.46 -3.74
CA ALA A 268 0.91 21.05 -3.56
C ALA A 268 0.12 20.49 -4.73
N ARG A 269 -0.85 21.26 -5.24
CA ARG A 269 -1.58 20.83 -6.42
C ARG A 269 -0.66 20.67 -7.63
N ALA A 270 0.24 21.63 -7.82
CA ALA A 270 1.19 21.55 -8.93
C ALA A 270 2.08 20.31 -8.81
N GLU A 271 2.60 20.07 -7.60
CA GLU A 271 3.43 18.89 -7.40
C GLU A 271 2.64 17.60 -7.58
N LEU A 272 1.35 17.62 -7.23
CA LEU A 272 0.50 16.45 -7.46
C LEU A 272 0.35 16.17 -8.94
N GLU A 273 0.14 17.20 -9.74
CA GLU A 273 0.05 17.01 -11.19
C GLU A 273 1.37 16.46 -11.74
N ARG A 274 2.49 16.99 -11.25
CA ARG A 274 3.79 16.48 -11.69
C ARG A 274 3.96 15.01 -11.33
N THR A 275 3.53 14.63 -10.13
CA THR A 275 3.64 13.24 -9.71
C THR A 275 2.76 12.32 -10.57
N TYR A 276 1.56 12.79 -10.92
CA TYR A 276 0.71 12.01 -11.81
C TYR A 276 1.38 11.80 -13.16
N GLN A 277 2.00 12.86 -13.70
CA GLN A 277 2.70 12.72 -14.97
C GLN A 277 3.86 11.73 -14.86
N GLU A 278 4.60 11.78 -13.75
CA GLU A 278 5.70 10.84 -13.55
C GLU A 278 5.19 9.41 -13.46
N ILE A 279 4.06 9.21 -12.80
CA ILE A 279 3.47 7.87 -12.71
C ILE A 279 3.08 7.38 -14.10
N GLN A 280 2.49 8.24 -14.91
CA GLN A 280 2.14 7.85 -16.28
C GLN A 280 3.38 7.47 -17.08
N GLU A 281 4.46 8.24 -16.94
CA GLU A 281 5.69 7.93 -17.66
C GLU A 281 6.26 6.59 -17.22
N LEU A 282 6.25 6.32 -15.91
CA LEU A 282 6.75 5.04 -15.42
C LEU A 282 5.90 3.88 -15.93
N GLN A 283 4.57 4.06 -15.94
CA GLN A 283 3.70 3.03 -16.47
C GLN A 283 3.98 2.76 -17.94
N TRP A 284 4.22 3.83 -18.71
N TRP A 284 4.22 3.83 -18.71
CA TRP A 284 4.53 3.65 -20.12
CA TRP A 284 4.54 3.66 -20.12
C TRP A 284 5.84 2.90 -20.31
C TRP A 284 5.84 2.90 -20.31
N GLU A 285 6.85 3.21 -19.49
CA GLU A 285 8.12 2.50 -19.61
C GLU A 285 7.96 1.02 -19.25
N ILE A 286 7.18 0.72 -18.22
CA ILE A 286 6.93 -0.68 -17.87
C ILE A 286 6.22 -1.39 -19.00
N GLN A 287 5.23 -0.74 -19.61
CA GLN A 287 4.52 -1.35 -20.72
C GLN A 287 5.46 -1.60 -21.88
N ASN A 288 6.38 -0.68 -22.13
CA ASN A 288 7.34 -0.86 -23.22
C ASN A 288 8.24 -2.06 -22.98
N THR A 289 8.76 -2.22 -21.75
CA THR A 289 9.75 -3.26 -21.49
C THR A 289 9.16 -4.53 -20.90
N SER A 290 7.83 -4.64 -20.79
CA SER A 290 7.24 -5.79 -20.09
C SER A 290 7.40 -7.08 -20.86
N HIS A 291 7.07 -7.08 -22.16
CA HIS A 291 6.89 -8.34 -22.87
C HIS A 291 8.19 -9.12 -23.07
N LEU A 292 9.35 -8.52 -22.80
CA LEU A 292 10.61 -9.25 -22.84
C LEU A 292 10.93 -9.97 -21.54
N ALA A 293 10.20 -9.70 -20.46
CA ALA A 293 10.54 -10.22 -19.15
C ALA A 293 9.97 -11.62 -18.94
N VAL A 294 10.38 -12.23 -17.83
CA VAL A 294 9.83 -13.53 -17.44
C VAL A 294 8.34 -13.42 -17.15
N ASP A 295 7.95 -12.39 -16.40
CA ASP A 295 6.55 -12.22 -16.02
C ASP A 295 5.66 -12.04 -17.24
N GLY A 296 6.08 -11.20 -18.19
CA GLY A 296 5.30 -10.95 -19.37
C GLY A 296 3.96 -10.32 -19.07
N ASP A 297 2.88 -11.11 -19.21
CA ASP A 297 1.55 -10.60 -18.91
C ASP A 297 1.41 -10.20 -17.45
N GLN A 298 2.12 -10.90 -16.55
CA GLN A 298 2.06 -10.54 -15.13
C GLN A 298 2.62 -9.14 -14.90
N ALA A 299 3.75 -8.81 -15.54
CA ALA A 299 4.29 -7.46 -15.44
C ALA A 299 3.37 -6.46 -16.13
N ALA A 300 2.86 -6.80 -17.31
CA ALA A 300 1.94 -5.94 -18.04
C ALA A 300 0.49 -6.26 -17.70
N ALA A 301 0.18 -6.30 -16.41
CA ALA A 301 -1.17 -6.55 -15.93
C ALA A 301 -1.76 -5.24 -15.44
N TRP A 302 -2.94 -4.90 -15.95
CA TRP A 302 -3.55 -3.63 -15.60
C TRP A 302 -3.92 -3.62 -14.11
N PRO A 303 -3.68 -2.50 -13.41
CA PRO A 303 -2.97 -1.30 -13.86
C PRO A 303 -1.48 -1.54 -13.85
N VAL A 304 -0.73 -0.90 -14.73
CA VAL A 304 0.68 -1.19 -14.90
C VAL A 304 1.44 -0.64 -13.70
N GLY A 305 2.14 -1.50 -12.99
CA GLY A 305 2.90 -1.08 -11.83
C GLY A 305 2.36 -1.65 -10.53
N ILE A 306 1.03 -1.73 -10.44
CA ILE A 306 0.40 -2.36 -9.28
C ILE A 306 0.69 -3.85 -9.29
N PRO A 307 0.86 -4.50 -8.14
CA PRO A 307 1.12 -5.95 -8.15
C PRO A 307 -0.02 -6.72 -8.82
N ALA A 308 0.36 -7.81 -9.48
CA ALA A 308 -0.58 -8.62 -10.24
C ALA A 308 -1.57 -9.30 -9.31
N PRO A 309 -2.76 -9.64 -9.81
CA PRO A 309 -3.74 -10.34 -8.98
C PRO A 309 -3.20 -11.66 -8.46
N SER A 310 -3.55 -11.99 -7.22
CA SER A 310 -3.07 -13.21 -6.61
C SER A 310 -3.70 -14.43 -7.27
N ARG A 311 -2.86 -15.41 -7.59
CA ARG A 311 -3.34 -16.66 -8.18
C ARG A 311 -3.58 -17.68 -7.08
N PRO A 312 -4.82 -18.14 -6.89
CA PRO A 312 -5.07 -19.12 -5.83
C PRO A 312 -4.39 -20.44 -6.12
N ALA A 313 -3.96 -21.12 -5.05
CA ALA A 313 -3.29 -22.40 -5.17
C ALA A 313 -4.27 -23.57 -5.10
N SER A 314 -5.28 -23.47 -4.23
CA SER A 314 -6.28 -24.51 -4.07
C SER A 314 -7.67 -23.90 -4.20
N ARG A 315 -8.69 -24.76 -4.09
CA ARG A 315 -10.07 -24.30 -4.18
C ARG A 315 -10.40 -23.34 -3.04
N PHE A 316 -9.94 -23.65 -1.83
CA PHE A 316 -10.28 -22.82 -0.67
C PHE A 316 -9.62 -21.45 -0.71
N GLU A 317 -8.53 -21.30 -1.45
CA GLU A 317 -7.79 -20.04 -1.49
C GLU A 317 -8.32 -19.08 -2.53
N VAL A 318 -9.36 -19.45 -3.29
CA VAL A 318 -9.93 -18.53 -4.26
C VAL A 318 -10.59 -17.36 -3.54
N LEU A 319 -10.69 -16.24 -4.24
CA LEU A 319 -11.30 -15.02 -3.71
C LEU A 319 -12.67 -14.85 -4.34
N ARG A 320 -13.67 -14.63 -3.49
CA ARG A 320 -15.06 -14.56 -3.93
C ARG A 320 -15.48 -13.10 -4.12
N TRP A 321 -16.08 -12.81 -5.27
CA TRP A 321 -16.65 -11.49 -5.48
C TRP A 321 -17.94 -11.34 -4.68
N ASP A 322 -18.09 -10.21 -4.02
CA ASP A 322 -19.26 -9.93 -3.20
C ASP A 322 -20.25 -9.12 -4.05
N TYR A 323 -21.30 -9.79 -4.50
CA TYR A 323 -22.30 -9.14 -5.33
C TYR A 323 -23.09 -8.11 -4.52
N PHE A 324 -23.38 -6.97 -5.14
CA PHE A 324 -24.18 -5.93 -4.51
C PHE A 324 -24.88 -5.12 -5.59
N THR A 325 -26.12 -4.75 -5.33
CA THR A 325 -26.83 -3.81 -6.19
C THR A 325 -26.66 -2.40 -5.63
N GLU A 326 -27.43 -1.45 -6.14
CA GLU A 326 -27.38 -0.09 -5.62
C GLU A 326 -28.17 0.07 -4.33
N GLN A 327 -28.92 -0.95 -3.92
CA GLN A 327 -29.75 -0.87 -2.73
C GLN A 327 -29.33 -1.85 -1.65
N HIS A 328 -29.11 -3.12 -2.00
CA HIS A 328 -28.81 -4.16 -1.02
C HIS A 328 -27.49 -4.83 -1.34
N ALA A 329 -26.82 -5.29 -0.29
CA ALA A 329 -25.62 -6.10 -0.40
C ALA A 329 -25.97 -7.54 -0.04
N PHE A 330 -25.61 -8.47 -0.91
CA PHE A 330 -26.01 -9.86 -0.75
C PHE A 330 -25.02 -10.70 0.02
N SER A 331 -23.92 -10.11 0.49
CA SER A 331 -22.95 -10.81 1.34
C SER A 331 -22.98 -10.11 2.71
N CYS A 332 -23.89 -10.54 3.57
CA CYS A 332 -24.10 -9.91 4.86
C CYS A 332 -23.38 -10.70 5.95
N ALA A 333 -22.64 -9.99 6.80
CA ALA A 333 -22.03 -10.63 7.95
C ALA A 333 -23.06 -11.03 9.01
N ASP A 334 -24.26 -10.46 8.95
CA ASP A 334 -25.32 -10.88 9.85
C ASP A 334 -25.74 -12.32 9.59
N GLY A 335 -25.85 -12.70 8.31
CA GLY A 335 -26.24 -14.04 7.95
C GLY A 335 -27.38 -14.07 6.96
N SER A 336 -28.11 -12.97 6.85
CA SER A 336 -29.23 -12.90 5.92
C SER A 336 -28.72 -12.94 4.48
N PRO A 337 -29.49 -13.54 3.57
CA PRO A 337 -29.07 -13.56 2.17
C PRO A 337 -28.92 -12.18 1.55
N ARG A 338 -29.75 -11.23 1.95
CA ARG A 338 -29.63 -9.86 1.49
C ARG A 338 -29.84 -8.91 2.65
N CYS A 339 -29.27 -7.71 2.53
CA CYS A 339 -29.41 -6.68 3.55
C CYS A 339 -29.13 -5.34 2.89
N PRO A 340 -29.89 -4.29 3.20
CA PRO A 340 -29.62 -2.99 2.60
C PRO A 340 -28.23 -2.48 2.96
N LEU A 341 -27.63 -1.76 2.01
CA LEU A 341 -26.30 -1.20 2.23
C LEU A 341 -26.33 -0.23 3.41
N ARG A 342 -25.38 -0.40 4.32
CA ARG A 342 -25.34 0.38 5.55
C ARG A 342 -23.98 1.03 5.72
N GLY A 343 -23.97 2.35 5.90
CA GLY A 343 -22.77 3.07 6.26
C GLY A 343 -21.61 2.96 5.29
N ALA A 344 -20.56 2.24 5.71
CA ALA A 344 -19.34 2.19 4.94
C ALA A 344 -19.55 1.58 3.56
N ASP A 345 -20.33 0.49 3.49
CA ASP A 345 -20.55 -0.16 2.20
C ASP A 345 -21.32 0.75 1.26
N ARG A 346 -22.37 1.41 1.74
CA ARG A 346 -23.14 2.30 0.88
C ARG A 346 -22.30 3.49 0.42
N ALA A 347 -21.51 4.06 1.33
CA ALA A 347 -20.64 5.16 0.96
C ALA A 347 -19.63 4.73 -0.09
N ASP A 348 -19.04 3.55 0.08
CA ASP A 348 -18.08 3.04 -0.89
C ASP A 348 -18.73 2.82 -2.24
N VAL A 349 -19.93 2.24 -2.26
CA VAL A 349 -20.62 2.00 -3.52
C VAL A 349 -20.92 3.31 -4.23
N ALA A 350 -21.41 4.31 -3.49
CA ALA A 350 -21.70 5.61 -4.10
C ALA A 350 -20.43 6.26 -4.63
N ASP A 351 -19.34 6.19 -3.87
CA ASP A 351 -18.09 6.78 -4.31
C ASP A 351 -17.57 6.09 -5.57
N VAL A 352 -17.66 4.76 -5.63
CA VAL A 352 -17.20 4.03 -6.81
C VAL A 352 -18.04 4.38 -8.02
N LEU A 353 -19.37 4.46 -7.85
CA LEU A 353 -20.22 4.85 -8.97
C LEU A 353 -19.89 6.25 -9.47
N GLY A 354 -19.69 7.19 -8.54
CA GLY A 354 -19.31 8.54 -8.94
C GLY A 354 -17.99 8.58 -9.67
N THR A 355 -17.00 7.83 -9.17
CA THR A 355 -15.70 7.78 -9.83
C THR A 355 -15.80 7.19 -11.23
N ALA A 356 -16.58 6.12 -11.39
CA ALA A 356 -16.74 5.52 -12.70
C ALA A 356 -17.42 6.49 -13.66
N LEU A 357 -18.47 7.16 -13.21
CA LEU A 357 -19.15 8.12 -14.09
C LEU A 357 -18.22 9.26 -14.47
N GLU A 358 -17.45 9.78 -13.51
CA GLU A 358 -16.51 10.86 -13.81
C GLU A 358 -15.46 10.42 -14.81
N GLU A 359 -14.90 9.23 -14.63
CA GLU A 359 -13.87 8.75 -15.54
C GLU A 359 -14.43 8.53 -16.94
N LEU A 360 -15.63 7.96 -17.04
CA LEU A 360 -16.23 7.77 -18.36
C LEU A 360 -16.52 9.10 -19.04
N ASN A 361 -17.05 10.07 -18.30
CA ASN A 361 -17.31 11.38 -18.89
C ASN A 361 -16.03 12.04 -19.35
N ARG A 362 -14.97 11.94 -18.55
CA ARG A 362 -13.69 12.53 -18.94
C ARG A 362 -13.14 11.85 -20.19
N ARG A 363 -13.23 10.52 -20.25
CA ARG A 363 -12.69 9.80 -21.41
C ARG A 363 -13.46 10.12 -22.68
N TYR A 364 -14.78 10.22 -22.60
CA TYR A 364 -15.60 10.44 -23.77
C TYR A 364 -15.84 11.92 -24.07
N HIS A 365 -15.28 12.81 -23.27
CA HIS A 365 -15.44 14.24 -23.52
C HIS A 365 -14.57 14.66 -24.69
N PRO A 366 -15.04 15.59 -25.54
CA PRO A 366 -16.38 16.20 -25.55
C PRO A 366 -17.31 15.53 -26.54
N ALA A 367 -16.87 14.43 -27.16
CA ALA A 367 -17.68 13.78 -28.19
C ALA A 367 -18.98 13.25 -27.62
N LEU A 368 -18.93 12.64 -26.44
CA LEU A 368 -20.11 12.05 -25.83
C LEU A 368 -20.13 12.34 -24.34
N ARG A 369 -21.30 12.72 -23.84
CA ARG A 369 -21.52 12.95 -22.41
C ARG A 369 -22.54 11.94 -21.91
N LEU A 370 -22.21 11.27 -20.81
CA LEU A 370 -23.08 10.23 -20.27
C LEU A 370 -24.06 10.82 -19.26
N GLN A 371 -25.06 10.01 -18.92
CA GLN A 371 -26.19 10.48 -18.12
C GLN A 371 -26.41 9.60 -16.89
N LYS A 372 -27.56 9.75 -16.26
CA LYS A 372 -27.94 8.97 -15.07
C LYS A 372 -27.51 7.51 -15.20
N GLN A 373 -26.84 7.02 -14.18
CA GLN A 373 -26.17 5.74 -14.20
C GLN A 373 -26.82 4.78 -13.22
N GLN A 374 -27.13 3.57 -13.70
CA GLN A 374 -27.71 2.53 -12.88
C GLN A 374 -26.74 1.37 -12.77
N LEU A 375 -26.60 0.82 -11.57
CA LEU A 375 -25.69 -0.29 -11.32
C LEU A 375 -26.44 -1.60 -11.49
N VAL A 376 -26.30 -2.21 -12.67
CA VAL A 376 -26.98 -3.48 -12.92
C VAL A 376 -26.34 -4.60 -12.13
N ASN A 377 -25.03 -4.77 -12.27
CA ASN A 377 -24.26 -5.76 -11.52
C ASN A 377 -23.10 -5.06 -10.82
N GLY A 378 -22.90 -5.38 -9.54
CA GLY A 378 -21.80 -4.81 -8.81
C GLY A 378 -21.01 -5.85 -8.04
N TYR A 379 -19.72 -5.98 -8.34
CA TYR A 379 -18.86 -6.96 -7.69
C TYR A 379 -17.73 -6.24 -6.98
N ARG A 380 -17.28 -6.83 -5.87
CA ARG A 380 -16.20 -6.25 -5.10
C ARG A 380 -15.55 -7.33 -4.26
N ARG A 381 -14.24 -7.48 -4.41
CA ARG A 381 -13.46 -8.38 -3.56
C ARG A 381 -12.15 -7.70 -3.21
N PHE A 382 -11.61 -8.04 -2.05
CA PHE A 382 -10.38 -7.46 -1.56
C PHE A 382 -9.23 -8.43 -1.80
N ASP A 383 -8.26 -8.01 -2.61
CA ASP A 383 -7.08 -8.81 -2.86
C ASP A 383 -5.96 -8.32 -1.95
N PRO A 384 -5.51 -9.12 -0.98
CA PRO A 384 -4.54 -8.61 0.01
C PRO A 384 -3.24 -8.11 -0.59
N ALA A 385 -2.76 -8.72 -1.68
CA ALA A 385 -1.51 -8.30 -2.28
C ALA A 385 -1.70 -7.21 -3.33
N ARG A 386 -2.93 -6.90 -3.70
CA ARG A 386 -3.22 -5.94 -4.77
C ARG A 386 -3.99 -4.73 -4.29
N GLY A 387 -5.10 -4.94 -3.58
CA GLY A 387 -6.02 -3.89 -3.23
C GLY A 387 -7.44 -4.30 -3.54
N MET A 388 -8.37 -3.40 -3.23
CA MET A 388 -9.77 -3.68 -3.43
C MET A 388 -10.13 -3.52 -4.90
N GLU A 389 -10.82 -4.52 -5.46
CA GLU A 389 -11.14 -4.58 -6.87
C GLU A 389 -12.64 -4.50 -7.08
N TYR A 390 -13.03 -3.95 -8.23
CA TYR A 390 -14.44 -3.81 -8.57
C TYR A 390 -14.67 -4.27 -10.01
N THR A 391 -15.90 -4.67 -10.29
CA THR A 391 -16.32 -5.02 -11.65
C THR A 391 -17.79 -4.63 -11.77
N LEU A 392 -18.04 -3.43 -12.29
CA LEU A 392 -19.38 -2.88 -12.38
C LEU A 392 -19.97 -3.12 -13.76
N ASP A 393 -21.29 -3.27 -13.79
CA ASP A 393 -22.05 -3.36 -15.04
C ASP A 393 -23.05 -2.22 -15.03
N LEU A 394 -22.71 -1.12 -15.69
CA LEU A 394 -23.49 0.11 -15.63
C LEU A 394 -24.41 0.21 -16.83
N GLN A 395 -25.66 0.61 -16.58
CA GLN A 395 -26.63 0.89 -17.63
C GLN A 395 -26.71 2.40 -17.80
N LEU A 396 -25.78 2.94 -18.57
CA LEU A 396 -25.66 4.37 -18.76
C LEU A 396 -26.60 4.86 -19.87
N GLU A 397 -26.59 6.17 -20.10
CA GLU A 397 -27.31 6.78 -21.20
C GLU A 397 -26.38 7.74 -21.92
N ALA A 398 -26.42 7.71 -23.26
CA ALA A 398 -25.53 8.51 -24.08
C ALA A 398 -26.27 9.73 -24.62
N LEU A 399 -25.64 10.90 -24.46
CA LEU A 399 -26.19 12.15 -24.96
C LEU A 399 -25.19 12.78 -25.93
N THR A 400 -25.55 12.80 -27.21
CA THR A 400 -24.73 13.49 -28.18
C THR A 400 -24.87 15.01 -28.01
N PRO A 401 -23.86 15.78 -28.42
CA PRO A 401 -24.02 17.24 -28.35
C PRO A 401 -25.18 17.77 -29.16
N GLN A 402 -25.56 17.09 -30.24
CA GLN A 402 -26.77 17.49 -30.97
C GLN A 402 -28.01 17.34 -30.10
N GLY A 403 -28.09 16.25 -29.34
CA GLY A 403 -29.23 16.04 -28.47
C GLY A 403 -29.81 14.64 -28.55
N GLY A 404 -29.16 13.76 -29.29
CA GLY A 404 -29.64 12.40 -29.43
C GLY A 404 -29.56 11.63 -28.13
N ARG A 405 -30.52 10.72 -27.93
CA ARG A 405 -30.61 9.91 -26.74
C ARG A 405 -30.55 8.43 -27.12
N ARG A 406 -29.72 7.67 -26.41
CA ARG A 406 -29.62 6.25 -26.64
C ARG A 406 -29.06 5.55 -25.40
N PRO A 407 -29.78 4.58 -24.83
CA PRO A 407 -29.24 3.83 -23.70
C PRO A 407 -28.02 3.01 -24.10
N LEU A 408 -27.07 2.91 -23.17
CA LEU A 408 -25.83 2.19 -23.40
C LEU A 408 -25.46 1.40 -22.17
N THR A 409 -24.98 0.17 -22.38
CA THR A 409 -24.54 -0.71 -21.31
C THR A 409 -23.04 -0.91 -21.40
N ARG A 410 -22.34 -0.64 -20.30
CA ARG A 410 -20.89 -0.73 -20.27
C ARG A 410 -20.44 -1.42 -18.99
N ARG A 411 -19.32 -2.13 -19.08
CA ARG A 411 -18.70 -2.76 -17.93
C ARG A 411 -17.36 -2.08 -17.66
N VAL A 412 -17.16 -1.68 -16.41
CA VAL A 412 -15.94 -0.99 -16.00
C VAL A 412 -15.31 -1.73 -14.83
N GLN A 413 -14.01 -1.49 -14.64
CA GLN A 413 -13.25 -2.11 -13.56
C GLN A 413 -12.50 -1.03 -12.81
N LEU A 414 -12.61 -1.04 -11.48
CA LEU A 414 -11.92 -0.11 -10.61
C LEU A 414 -11.07 -0.87 -9.61
N LEU A 415 -9.87 -0.35 -9.36
CA LEU A 415 -8.97 -0.91 -8.37
C LEU A 415 -8.47 0.19 -7.46
N ARG A 416 -8.59 -0.01 -6.15
CA ARG A 416 -7.98 0.89 -5.20
C ARG A 416 -6.64 0.29 -4.77
N PRO A 417 -5.52 0.77 -5.29
CA PRO A 417 -4.23 0.15 -4.95
C PRO A 417 -3.89 0.33 -3.48
N LEU A 418 -3.17 -0.64 -2.95
CA LEU A 418 -2.70 -0.59 -1.57
C LEU A 418 -1.39 0.20 -1.55
N SER A 419 -1.36 1.26 -0.77
CA SER A 419 -0.18 2.10 -0.67
C SER A 419 0.79 1.52 0.36
N ARG A 420 1.78 2.32 0.76
CA ARG A 420 2.76 1.84 1.73
CA ARG A 420 2.76 1.84 1.73
C ARG A 420 2.14 1.71 3.12
N VAL A 421 2.82 0.93 3.96
CA VAL A 421 2.36 0.69 5.33
C VAL A 421 2.84 1.83 6.21
N GLU A 422 1.93 2.40 7.00
CA GLU A 422 2.24 3.48 7.93
C GLU A 422 2.02 2.99 9.34
N ILE A 423 2.99 3.27 10.22
CA ILE A 423 2.89 2.93 11.63
C ILE A 423 2.21 4.09 12.34
N LEU A 424 0.95 3.91 12.72
CA LEU A 424 0.24 4.95 13.46
C LEU A 424 0.85 5.11 14.84
N PRO A 425 1.02 6.33 15.33
CA PRO A 425 1.47 6.53 16.71
C PRO A 425 0.45 5.96 17.69
N VAL A 426 0.95 5.42 18.79
CA VAL A 426 0.10 4.77 19.79
C VAL A 426 0.73 4.94 21.16
N PRO A 427 -0.04 5.26 22.19
CA PRO A 427 0.53 5.40 23.53
C PRO A 427 1.19 4.11 23.99
N TYR A 428 2.30 4.26 24.71
CA TYR A 428 3.05 3.10 25.18
C TYR A 428 2.27 2.37 26.26
N VAL A 429 2.15 1.05 26.12
CA VAL A 429 1.46 0.21 27.08
C VAL A 429 2.41 -0.88 27.56
N THR A 430 2.53 -1.03 28.87
CA THR A 430 3.40 -2.04 29.45
C THR A 430 2.66 -3.37 29.58
N GLU A 431 3.41 -4.46 29.42
CA GLU A 431 2.82 -5.79 29.54
C GLU A 431 2.30 -6.03 30.95
N ALA A 432 3.07 -5.63 31.96
CA ALA A 432 2.68 -5.81 33.37
C ALA A 432 1.88 -4.60 33.81
N SER A 433 0.57 -4.76 33.90
CA SER A 433 -0.33 -3.71 34.35
C SER A 433 -1.26 -4.25 35.41
N ARG A 434 -1.52 -3.45 36.43
CA ARG A 434 -2.43 -3.84 37.52
C ARG A 434 -3.85 -3.96 36.97
N LEU A 435 -4.34 -5.19 36.87
CA LEU A 435 -5.66 -5.46 36.33
C LEU A 435 -6.59 -5.91 37.43
N THR A 436 -7.84 -5.46 37.36
CA THR A 436 -8.88 -5.82 38.33
C THR A 436 -10.05 -6.42 37.55
N VAL A 437 -10.09 -7.75 37.46
CA VAL A 437 -11.17 -8.41 36.77
C VAL A 437 -12.42 -8.38 37.63
N LEU A 438 -13.54 -7.94 37.05
CA LEU A 438 -14.79 -7.82 37.76
C LEU A 438 -15.74 -8.95 37.39
N LEU A 439 -16.72 -9.19 38.26
CA LEU A 439 -17.74 -10.18 37.99
C LEU A 439 -19.03 -9.80 38.72
N PRO A 440 -20.05 -9.34 38.01
CA PRO A 440 -21.36 -9.11 38.64
C PRO A 440 -22.12 -10.43 38.80
N LEU A 441 -21.69 -11.23 39.78
CA LEU A 441 -22.25 -12.56 40.00
C LEU A 441 -23.70 -12.42 40.45
N ALA A 442 -24.63 -12.79 39.59
CA ALA A 442 -26.04 -12.67 39.89
C ALA A 442 -26.51 -13.83 40.75
N ALA A 443 -27.82 -13.88 41.01
CA ALA A 443 -28.37 -14.91 41.88
C ALA A 443 -28.35 -16.29 41.22
N ALA A 444 -28.73 -16.36 39.94
CA ALA A 444 -28.88 -17.63 39.27
C ALA A 444 -27.56 -18.21 38.76
N GLU A 445 -26.47 -17.46 38.85
CA GLU A 445 -25.17 -17.92 38.36
C GLU A 445 -24.31 -18.51 39.46
N ARG A 446 -24.88 -18.81 40.63
CA ARG A 446 -24.11 -19.40 41.71
C ARG A 446 -23.59 -20.79 41.32
N ASP A 447 -24.39 -21.54 40.54
CA ASP A 447 -23.96 -22.87 40.13
C ASP A 447 -22.73 -22.82 39.25
N LEU A 448 -22.66 -21.86 38.34
CA LEU A 448 -21.54 -21.73 37.42
C LEU A 448 -20.40 -20.87 37.97
N ALA A 449 -20.61 -20.20 39.10
CA ALA A 449 -19.53 -19.43 39.71
C ALA A 449 -18.26 -20.23 39.98
N PRO A 450 -18.31 -21.46 40.51
CA PRO A 450 -17.06 -22.20 40.73
C PRO A 450 -16.24 -22.42 39.47
N GLY A 451 -16.88 -22.60 38.31
CA GLY A 451 -16.13 -22.71 37.07
C GLY A 451 -15.34 -21.44 36.76
N PHE A 452 -16.00 -20.28 36.92
CA PHE A 452 -15.31 -19.02 36.72
C PHE A 452 -14.17 -18.85 37.71
N LEU A 453 -14.38 -19.22 38.97
CA LEU A 453 -13.32 -19.10 39.97
C LEU A 453 -12.14 -20.00 39.63
N GLU A 454 -12.40 -21.22 39.19
CA GLU A 454 -11.32 -22.12 38.82
C GLU A 454 -10.56 -21.60 37.61
N ALA A 455 -11.28 -21.09 36.60
CA ALA A 455 -10.62 -20.53 35.44
C ALA A 455 -9.74 -19.34 35.81
N PHE A 456 -10.27 -18.43 36.64
CA PHE A 456 -9.50 -17.28 37.07
C PHE A 456 -8.27 -17.70 37.87
N ALA A 457 -8.42 -18.70 38.74
CA ALA A 457 -7.30 -19.18 39.52
C ALA A 457 -6.21 -19.75 38.61
N THR A 458 -6.58 -20.65 37.70
CA THR A 458 -5.61 -21.24 36.78
C THR A 458 -5.01 -20.21 35.84
N ALA A 459 -5.70 -19.10 35.59
CA ALA A 459 -5.19 -18.10 34.67
C ALA A 459 -4.26 -17.09 35.34
N ALA A 460 -4.55 -16.71 36.59
CA ALA A 460 -3.75 -15.65 37.21
C ALA A 460 -3.18 -16.03 38.56
N LEU A 461 -3.92 -16.78 39.38
CA LEU A 461 -3.45 -17.06 40.73
C LEU A 461 -2.33 -18.09 40.73
N GLU A 462 -2.45 -19.12 39.89
CA GLU A 462 -1.40 -20.14 39.82
C GLU A 462 -0.06 -19.57 39.39
N PRO A 463 0.05 -18.72 38.37
CA PRO A 463 1.34 -18.07 38.11
C PRO A 463 1.78 -17.22 39.29
N GLY A 464 3.11 -17.16 39.48
CA GLY A 464 3.64 -16.49 40.65
C GLY A 464 3.32 -15.01 40.71
N ASP A 465 3.29 -14.35 39.55
CA ASP A 465 3.02 -12.92 39.51
C ASP A 465 1.56 -12.65 39.88
N ALA A 466 1.36 -11.72 40.80
CA ALA A 466 0.02 -11.28 41.19
C ALA A 466 -0.46 -10.15 40.28
N ALA A 467 -0.60 -10.49 39.00
CA ALA A 467 -0.93 -9.50 37.99
C ALA A 467 -2.43 -9.21 37.90
N ALA A 468 -3.28 -10.03 38.51
CA ALA A 468 -4.71 -9.83 38.43
C ALA A 468 -5.35 -10.07 39.79
N ALA A 469 -6.43 -9.34 40.04
CA ALA A 469 -7.24 -9.50 41.25
C ALA A 469 -8.70 -9.43 40.87
N LEU A 470 -9.51 -10.27 41.50
CA LEU A 470 -10.93 -10.38 41.17
C LEU A 470 -11.75 -9.76 42.30
N THR A 471 -12.57 -8.78 41.95
CA THR A 471 -13.51 -8.16 42.88
C THR A 471 -14.92 -8.46 42.36
N LEU A 472 -15.44 -9.63 42.76
CA LEU A 472 -16.76 -10.03 42.32
C LEU A 472 -17.83 -9.35 43.18
N LEU A 473 -19.02 -9.21 42.60
CA LEU A 473 -20.13 -8.54 43.25
C LEU A 473 -21.26 -9.53 43.51
N LEU A 474 -21.97 -9.33 44.61
CA LEU A 474 -23.09 -10.16 45.01
C LEU A 474 -24.37 -9.37 44.86
N LEU A 475 -25.32 -9.91 44.10
CA LEU A 475 -26.60 -9.25 43.86
C LEU A 475 -27.65 -9.88 44.78
N TYR A 476 -27.66 -9.42 46.02
CA TYR A 476 -28.60 -9.91 47.03
C TYR A 476 -29.97 -9.33 46.74
N GLU A 477 -30.69 -9.99 45.84
CA GLU A 477 -32.03 -9.54 45.48
C GLU A 477 -32.96 -9.73 46.66
N PRO A 478 -33.90 -8.79 46.88
CA PRO A 478 -34.80 -8.82 48.05
C PRO A 478 -35.79 -9.98 48.02
N VAL A 489 -27.08 -16.49 51.82
CA VAL A 489 -27.57 -17.61 51.04
C VAL A 489 -26.55 -18.00 49.98
N PHE A 490 -25.44 -17.26 49.94
CA PHE A 490 -24.35 -17.51 49.01
C PHE A 490 -23.11 -18.05 49.73
N ALA A 491 -23.34 -18.93 50.71
CA ALA A 491 -22.23 -19.54 51.43
C ALA A 491 -21.23 -20.27 50.54
N PRO A 492 -21.64 -21.07 49.53
CA PRO A 492 -20.63 -21.75 48.71
C PRO A 492 -19.67 -20.81 48.01
N VAL A 493 -20.13 -19.65 47.54
CA VAL A 493 -19.23 -18.72 46.86
C VAL A 493 -18.19 -18.18 47.83
N LYS A 494 -18.60 -17.80 49.04
CA LYS A 494 -17.65 -17.32 50.03
C LYS A 494 -16.69 -18.42 50.45
N ALA A 495 -17.18 -19.65 50.57
CA ALA A 495 -16.30 -20.77 50.90
C ALA A 495 -15.27 -21.00 49.81
N HIS A 496 -15.68 -20.91 48.54
CA HIS A 496 -14.75 -21.03 47.44
C HIS A 496 -13.71 -19.91 47.46
N VAL A 497 -14.14 -18.69 47.76
CA VAL A 497 -13.21 -17.57 47.84
C VAL A 497 -12.20 -17.80 48.96
N ALA A 498 -12.68 -18.26 50.12
CA ALA A 498 -11.78 -18.54 51.24
C ALA A 498 -10.81 -19.66 50.91
N GLU A 499 -11.28 -20.69 50.20
CA GLU A 499 -10.40 -21.76 49.77
C GLU A 499 -9.32 -21.25 48.83
N LEU A 500 -9.70 -20.36 47.90
CA LEU A 500 -8.70 -19.76 47.01
C LEU A 500 -7.70 -18.93 47.80
N GLU A 501 -8.18 -18.18 48.79
CA GLU A 501 -7.27 -17.36 49.61
C GLU A 501 -6.31 -18.23 50.39
N ARG A 502 -6.79 -19.34 50.97
CA ARG A 502 -5.91 -20.22 51.74
C ARG A 502 -4.92 -20.94 50.84
N ARG A 503 -5.36 -21.39 49.66
CA ARG A 503 -4.47 -22.10 48.75
C ARG A 503 -3.41 -21.16 48.18
N PHE A 504 -3.77 -19.90 47.93
CA PHE A 504 -2.85 -18.89 47.42
C PHE A 504 -2.84 -17.75 48.43
N PRO A 505 -1.92 -17.78 49.40
CA PRO A 505 -1.93 -16.74 50.44
C PRO A 505 -1.76 -15.33 49.91
N GLY A 506 -0.99 -15.15 48.83
CA GLY A 506 -0.84 -13.83 48.24
C GLY A 506 -2.14 -13.33 47.62
N ALA A 507 -2.88 -14.22 46.97
CA ALA A 507 -4.11 -13.82 46.30
C ALA A 507 -5.18 -13.43 47.30
N ARG A 508 -5.91 -12.36 46.98
CA ARG A 508 -7.02 -11.90 47.81
C ARG A 508 -8.18 -11.53 46.90
N VAL A 509 -9.37 -12.02 47.24
CA VAL A 509 -10.56 -11.74 46.46
C VAL A 509 -11.62 -11.14 47.37
N PRO A 510 -12.00 -9.88 47.19
CA PRO A 510 -13.08 -9.29 47.97
C PRO A 510 -14.43 -9.48 47.29
N TRP A 511 -15.48 -9.11 48.02
CA TRP A 511 -16.84 -9.21 47.50
C TRP A 511 -17.71 -8.20 48.24
N LEU A 512 -18.70 -7.68 47.53
CA LEU A 512 -19.65 -6.73 48.11
C LEU A 512 -21.06 -7.22 47.84
N SER A 513 -21.99 -6.81 48.71
CA SER A 513 -23.36 -7.31 48.70
C SER A 513 -24.30 -6.18 48.27
N VAL A 514 -24.55 -6.09 46.97
CA VAL A 514 -25.51 -5.14 46.44
C VAL A 514 -26.90 -5.67 46.76
N GLN A 515 -27.58 -5.04 47.72
CA GLN A 515 -28.94 -5.45 48.02
C GLN A 515 -29.90 -4.94 46.95
N THR A 516 -29.58 -3.79 46.35
CA THR A 516 -30.45 -3.18 45.36
C THR A 516 -30.68 -4.11 44.17
N ALA A 517 -31.91 -4.10 43.67
CA ALA A 517 -32.31 -4.84 42.49
C ALA A 517 -31.90 -4.07 41.24
N ALA A 518 -32.49 -4.41 40.08
CA ALA A 518 -32.17 -3.74 38.83
C ALA A 518 -30.69 -3.86 38.51
N PRO A 519 -30.26 -5.00 37.99
CA PRO A 519 -28.82 -5.26 37.81
C PRO A 519 -28.24 -4.58 36.58
N SER A 520 -28.92 -3.53 36.11
CA SER A 520 -28.54 -2.74 34.94
C SER A 520 -27.03 -2.54 34.87
N PRO A 521 -26.41 -2.97 33.76
CA PRO A 521 -24.94 -2.94 33.66
C PRO A 521 -24.34 -1.62 34.07
N LEU A 522 -24.90 -0.52 33.58
CA LEU A 522 -24.41 0.80 33.93
C LEU A 522 -24.49 1.04 35.43
N ARG A 523 -25.65 0.76 36.04
CA ARG A 523 -25.83 0.99 37.48
C ARG A 523 -24.76 0.28 38.30
N LEU A 524 -24.60 -1.01 38.07
CA LEU A 524 -23.60 -1.79 38.80
C LEU A 524 -22.21 -1.24 38.53
N MET A 525 -21.93 -0.89 37.27
CA MET A 525 -20.63 -0.36 36.92
C MET A 525 -20.34 0.95 37.64
N ASP A 526 -21.33 1.83 37.77
CA ASP A 526 -21.12 3.06 38.54
C ASP A 526 -20.79 2.73 39.99
N LEU A 527 -21.54 1.81 40.59
CA LEU A 527 -21.24 1.48 41.99
C LEU A 527 -19.81 0.94 42.12
N LEU A 528 -19.41 0.04 41.22
CA LEU A 528 -18.06 -0.51 41.27
C LEU A 528 -17.00 0.55 41.04
N SER A 529 -17.26 1.46 40.09
CA SER A 529 -16.32 2.55 39.82
C SER A 529 -16.18 3.49 41.01
N LYS A 530 -17.30 3.78 41.67
CA LYS A 530 -17.25 4.60 42.87
C LYS A 530 -16.43 3.93 43.96
N LYS A 531 -16.60 2.63 44.14
CA LYS A 531 -15.86 1.91 45.17
C LYS A 531 -14.62 1.25 44.57
N HIS A 532 -13.78 2.05 43.95
CA HIS A 532 -12.54 1.61 43.34
C HIS A 532 -11.70 2.84 42.97
N PRO A 533 -10.38 2.68 42.84
CA PRO A 533 -9.55 3.81 42.41
C PRO A 533 -9.83 4.19 40.97
N LEU A 534 -9.43 5.41 40.61
CA LEU A 534 -9.73 5.99 39.31
C LEU A 534 -8.73 5.59 38.23
N ASP A 535 -7.70 4.81 38.55
CA ASP A 535 -6.69 4.44 37.56
C ASP A 535 -6.51 2.93 37.42
N THR A 536 -7.41 2.13 37.98
CA THR A 536 -7.29 0.69 37.87
C THR A 536 -7.78 0.21 36.51
N LEU A 537 -7.18 -0.88 36.03
CA LEU A 537 -7.58 -1.48 34.77
C LEU A 537 -8.75 -2.42 35.02
N PHE A 538 -9.89 -2.14 34.38
CA PHE A 538 -11.12 -2.88 34.62
C PHE A 538 -11.30 -3.95 33.55
N LEU A 539 -11.57 -5.18 33.99
CA LEU A 539 -11.91 -6.30 33.12
C LEU A 539 -13.31 -6.76 33.51
N LEU A 540 -14.33 -6.14 32.92
CA LEU A 540 -15.70 -6.53 33.17
C LEU A 540 -15.96 -7.85 32.46
N ALA A 541 -15.89 -8.95 33.19
CA ALA A 541 -16.11 -10.28 32.64
C ALA A 541 -17.46 -10.81 33.12
N GLY A 542 -18.27 -11.30 32.20
CA GLY A 542 -19.53 -11.90 32.53
C GLY A 542 -19.33 -13.24 33.21
N PRO A 543 -20.40 -13.79 33.80
CA PRO A 543 -20.27 -15.08 34.47
C PRO A 543 -19.84 -16.20 33.54
N ASP A 544 -20.22 -16.15 32.27
CA ASP A 544 -19.93 -17.22 31.31
C ASP A 544 -18.55 -17.08 30.67
N THR A 545 -17.62 -16.40 31.33
CA THR A 545 -16.30 -16.15 30.78
C THR A 545 -15.30 -17.11 31.39
N VAL A 546 -14.53 -17.77 30.53
CA VAL A 546 -13.45 -18.66 30.95
C VAL A 546 -12.14 -17.95 30.65
N LEU A 547 -11.58 -17.28 31.65
CA LEU A 547 -10.37 -16.50 31.46
C LEU A 547 -9.16 -17.41 31.26
N THR A 548 -8.23 -16.95 30.44
CA THR A 548 -6.97 -17.62 30.18
C THR A 548 -5.85 -16.58 30.23
N PRO A 549 -4.63 -16.99 30.54
CA PRO A 549 -3.52 -16.01 30.59
C PRO A 549 -3.33 -15.25 29.30
N ASP A 550 -3.55 -15.88 28.14
CA ASP A 550 -3.41 -15.16 26.88
C ASP A 550 -4.42 -14.03 26.77
N PHE A 551 -5.67 -14.30 27.13
CA PHE A 551 -6.68 -13.25 27.08
C PHE A 551 -6.40 -12.16 28.10
N LEU A 552 -5.89 -12.53 29.27
CA LEU A 552 -5.51 -11.52 30.26
C LEU A 552 -4.41 -10.61 29.72
N ASN A 553 -3.40 -11.20 29.09
CA ASN A 553 -2.33 -10.39 28.51
C ASN A 553 -2.87 -9.48 27.40
N ARG A 554 -3.75 -10.01 26.56
CA ARG A 554 -4.31 -9.21 25.48
C ARG A 554 -5.13 -8.05 26.03
N CYS A 555 -5.90 -8.28 27.09
CA CYS A 555 -6.67 -7.21 27.70
C CYS A 555 -5.76 -6.17 28.34
N ARG A 556 -4.70 -6.61 29.02
CA ARG A 556 -3.76 -5.67 29.63
C ARG A 556 -3.10 -4.80 28.58
N MET A 557 -2.70 -5.38 27.46
CA MET A 557 -1.86 -4.70 26.48
C MET A 557 -2.66 -4.13 25.32
N HIS A 558 -3.99 -4.27 25.34
CA HIS A 558 -4.85 -3.63 24.35
C HIS A 558 -5.92 -2.74 24.97
N ALA A 559 -5.80 -2.40 26.25
CA ALA A 559 -6.70 -1.47 26.92
C ALA A 559 -5.86 -0.28 27.36
N ILE A 560 -5.72 0.70 26.48
CA ILE A 560 -4.87 1.85 26.72
C ILE A 560 -5.63 2.87 27.54
N SER A 561 -5.02 3.34 28.63
CA SER A 561 -5.65 4.29 29.52
C SER A 561 -5.93 5.61 28.82
N GLY A 562 -7.21 5.92 28.62
CA GLY A 562 -7.60 7.16 27.99
C GLY A 562 -7.41 7.23 26.49
N TRP A 563 -7.13 6.09 25.84
CA TRP A 563 -6.96 6.10 24.39
C TRP A 563 -7.79 5.03 23.70
N GLN A 564 -8.03 3.90 24.37
CA GLN A 564 -8.71 2.79 23.74
C GLN A 564 -9.39 1.93 24.80
N ALA A 565 -10.52 1.33 24.41
CA ALA A 565 -11.24 0.37 25.24
C ALA A 565 -11.43 -0.90 24.43
N PHE A 566 -11.14 -2.05 25.04
CA PHE A 566 -11.16 -3.33 24.35
C PHE A 566 -12.45 -4.07 24.68
N PHE A 567 -13.20 -4.42 23.64
CA PHE A 567 -14.45 -5.18 23.77
C PHE A 567 -14.35 -6.44 22.93
N PRO A 568 -13.94 -7.56 23.51
CA PRO A 568 -13.80 -8.79 22.73
C PRO A 568 -15.15 -9.47 22.52
N MET A 569 -15.14 -10.44 21.60
CA MET A 569 -16.29 -11.28 21.32
C MET A 569 -15.87 -12.73 21.48
N HIS A 570 -16.56 -13.46 22.34
CA HIS A 570 -16.14 -14.81 22.69
C HIS A 570 -16.55 -15.79 21.60
N PHE A 571 -16.24 -17.07 21.82
CA PHE A 571 -16.45 -18.13 20.84
C PHE A 571 -17.65 -18.93 21.33
N GLN A 572 -18.83 -18.62 20.81
CA GLN A 572 -20.05 -19.33 21.18
C GLN A 572 -20.08 -20.70 20.52
N ALA A 573 -20.75 -21.64 21.19
CA ALA A 573 -20.85 -23.01 20.69
C ALA A 573 -22.29 -23.49 20.80
N PHE A 574 -22.68 -24.40 19.91
CA PHE A 574 -24.00 -25.00 19.90
C PHE A 574 -23.98 -26.34 20.61
N HIS A 575 -25.17 -26.80 21.00
CA HIS A 575 -25.43 -28.10 21.62
C HIS A 575 -24.83 -28.17 23.03
N PRO A 576 -25.48 -28.88 23.95
CA PRO A 576 -24.97 -29.03 25.32
C PRO A 576 -23.73 -29.93 25.38
N GLY A 594 -18.99 -24.22 16.19
CA GLY A 594 -19.16 -23.04 17.02
C GLY A 594 -19.44 -21.78 16.21
N ARG A 595 -19.47 -20.64 16.89
CA ARG A 595 -19.79 -19.38 16.25
C ARG A 595 -19.21 -18.23 17.06
N PHE A 596 -18.88 -17.14 16.37
CA PHE A 596 -18.44 -15.90 17.01
C PHE A 596 -19.62 -14.94 17.05
N ASP A 597 -20.23 -14.80 18.22
CA ASP A 597 -21.37 -13.92 18.37
C ASP A 597 -20.92 -12.46 18.30
N ARG A 598 -21.63 -11.66 17.51
CA ARG A 598 -21.28 -10.26 17.30
C ARG A 598 -22.23 -9.28 17.96
N GLN A 599 -23.36 -9.75 18.48
CA GLN A 599 -24.34 -8.89 19.13
C GLN A 599 -24.24 -8.94 20.66
N ALA A 600 -23.24 -9.62 21.19
CA ALA A 600 -23.06 -9.76 22.64
C ALA A 600 -21.80 -9.01 23.05
N ALA A 601 -21.96 -8.08 23.99
CA ALA A 601 -20.81 -7.36 24.52
C ALA A 601 -20.10 -8.16 25.60
N SER A 602 -20.82 -8.45 26.69
CA SER A 602 -20.33 -9.29 27.78
C SER A 602 -18.97 -8.79 28.30
N GLU A 603 -17.90 -9.45 27.89
CA GLU A 603 -16.57 -9.06 28.34
C GLU A 603 -16.21 -7.66 27.85
N ALA A 604 -15.67 -6.85 28.75
CA ALA A 604 -15.28 -5.49 28.43
C ALA A 604 -13.97 -5.17 29.14
N CYS A 605 -13.08 -4.48 28.45
CA CYS A 605 -11.77 -4.09 28.99
C CYS A 605 -11.59 -2.59 28.78
N PHE A 606 -11.78 -1.82 29.84
CA PHE A 606 -11.64 -0.37 29.79
C PHE A 606 -11.00 0.10 31.08
N TYR A 607 -11.04 1.41 31.31
CA TYR A 607 -10.42 2.01 32.49
C TYR A 607 -11.46 2.80 33.29
N ASN A 608 -11.17 2.94 34.58
CA ASN A 608 -12.10 3.63 35.47
C ASN A 608 -12.28 5.08 35.06
N SER A 609 -11.18 5.77 34.72
CA SER A 609 -11.28 7.16 34.31
C SER A 609 -12.10 7.31 33.04
N ASP A 610 -11.90 6.42 32.07
CA ASP A 610 -12.67 6.46 30.84
C ASP A 610 -14.14 6.23 31.11
N TYR A 611 -14.46 5.28 31.98
CA TYR A 611 -15.86 5.03 32.31
C TYR A 611 -16.48 6.23 33.01
N VAL A 612 -15.73 6.87 33.91
CA VAL A 612 -16.23 8.04 34.61
C VAL A 612 -16.51 9.17 33.63
N ALA A 613 -15.59 9.37 32.67
CA ALA A 613 -15.81 10.40 31.66
C ALA A 613 -17.03 10.10 30.81
N ALA A 614 -17.22 8.84 30.43
CA ALA A 614 -18.40 8.48 29.66
C ALA A 614 -19.68 8.70 30.46
N ARG A 615 -19.67 8.37 31.74
CA ARG A 615 -20.84 8.59 32.58
C ARG A 615 -21.13 10.08 32.74
N GLY A 616 -20.08 10.89 32.88
CA GLY A 616 -20.30 12.33 32.93
C GLY A 616 -20.89 12.88 31.65
N ARG A 617 -20.41 12.38 30.51
CA ARG A 617 -20.98 12.80 29.23
C ARG A 617 -22.44 12.37 29.11
N LEU A 618 -22.77 11.18 29.61
CA LEU A 618 -24.17 10.75 29.64
C LEU A 618 -25.00 11.68 30.52
N ALA A 619 -24.48 12.06 31.68
CA ALA A 619 -25.23 12.94 32.58
C ALA A 619 -25.44 14.31 31.95
N ALA A 620 -24.43 14.83 31.26
CA ALA A 620 -24.55 16.12 30.58
C ALA A 620 -25.33 15.97 29.28
N GLU A 626 -32.92 8.91 32.51
CA GLU A 626 -32.68 7.69 33.27
C GLU A 626 -33.00 6.46 32.44
N GLU A 627 -33.78 6.64 31.38
CA GLU A 627 -34.11 5.52 30.49
C GLU A 627 -32.85 4.99 29.81
N LEU A 628 -31.94 5.88 29.43
CA LEU A 628 -30.67 5.44 28.87
C LEU A 628 -29.83 4.72 29.93
N LEU A 629 -29.84 5.24 31.16
CA LEU A 629 -29.11 4.57 32.24
C LEU A 629 -29.66 3.19 32.52
N GLU A 630 -30.94 2.97 32.26
CA GLU A 630 -31.56 1.68 32.52
C GLU A 630 -31.45 0.72 31.35
N SER A 631 -31.42 1.22 30.11
CA SER A 631 -31.40 0.36 28.93
C SER A 631 -30.16 0.60 28.07
N LEU A 632 -29.05 0.98 28.69
CA LEU A 632 -27.79 1.19 28.00
C LEU A 632 -26.80 0.12 28.42
N ASP A 633 -26.10 -0.45 27.45
CA ASP A 633 -24.98 -1.34 27.74
C ASP A 633 -23.69 -0.54 27.87
N VAL A 634 -22.73 -1.12 28.61
CA VAL A 634 -21.43 -0.47 28.77
C VAL A 634 -20.75 -0.30 27.41
N TYR A 635 -20.87 -1.31 26.55
CA TYR A 635 -20.35 -1.17 25.19
C TYR A 635 -21.09 -0.06 24.44
N GLU A 636 -22.42 -0.01 24.57
CA GLU A 636 -23.18 1.07 23.95
C GLU A 636 -22.83 2.42 24.55
N LEU A 637 -22.58 2.47 25.86
CA LEU A 637 -22.16 3.73 26.49
C LEU A 637 -20.85 4.22 25.90
N PHE A 638 -19.87 3.33 25.80
CA PHE A 638 -18.58 3.73 25.23
C PHE A 638 -18.70 4.06 23.76
N LEU A 639 -19.67 3.46 23.07
CA LEU A 639 -19.90 3.79 21.67
C LEU A 639 -20.48 5.19 21.52
N HIS A 640 -21.49 5.53 22.31
CA HIS A 640 -22.17 6.81 22.16
C HIS A 640 -21.41 7.94 22.85
N PHE A 641 -21.32 7.88 24.17
CA PHE A 641 -20.83 9.02 24.95
C PHE A 641 -19.34 8.89 25.28
N SER A 642 -18.52 8.69 24.25
CA SER A 642 -17.09 8.59 24.43
C SER A 642 -16.40 8.75 23.08
N SER A 643 -15.25 9.42 23.09
CA SER A 643 -14.44 9.62 21.90
C SER A 643 -13.23 8.69 21.88
N LEU A 644 -13.38 7.47 22.39
CA LEU A 644 -12.30 6.52 22.52
C LEU A 644 -12.40 5.43 21.46
N HIS A 645 -11.24 4.90 21.07
CA HIS A 645 -11.23 3.75 20.18
C HIS A 645 -11.90 2.57 20.86
N VAL A 646 -12.75 1.87 20.11
CA VAL A 646 -13.71 0.93 20.67
C VAL A 646 -13.45 -0.46 20.10
N LEU A 647 -12.18 -0.78 19.86
CA LEU A 647 -11.75 -1.99 19.17
C LEU A 647 -12.59 -3.21 19.55
N ARG A 648 -13.22 -3.81 18.55
CA ARG A 648 -14.14 -4.94 18.72
C ARG A 648 -13.59 -6.08 17.86
N ALA A 649 -12.77 -6.93 18.47
CA ALA A 649 -12.08 -8.00 17.76
C ALA A 649 -12.48 -9.35 18.34
N VAL A 650 -12.14 -10.40 17.60
CA VAL A 650 -12.47 -11.76 17.98
C VAL A 650 -11.38 -12.31 18.89
N GLU A 651 -11.79 -13.09 19.88
CA GLU A 651 -10.88 -13.72 20.82
C GLU A 651 -11.00 -15.23 20.75
N PRO A 652 -10.08 -15.92 20.07
CA PRO A 652 -10.12 -17.39 20.07
C PRO A 652 -9.87 -18.00 21.44
N ALA A 653 -9.31 -17.24 22.38
CA ALA A 653 -9.00 -17.73 23.72
C ALA A 653 -10.16 -17.60 24.68
N LEU A 654 -11.34 -17.22 24.19
CA LEU A 654 -12.54 -17.06 25.02
C LEU A 654 -13.64 -17.94 24.43
N LEU A 655 -13.84 -19.12 25.01
CA LEU A 655 -14.82 -20.08 24.53
C LEU A 655 -16.04 -20.07 25.43
N GLN A 656 -17.22 -19.94 24.83
CA GLN A 656 -18.47 -19.88 25.57
C GLN A 656 -19.47 -20.86 24.96
N ARG A 657 -20.39 -21.33 25.79
CA ARG A 657 -21.34 -22.36 25.37
C ARG A 657 -22.56 -22.29 26.27
N TYR A 658 -23.67 -22.80 25.77
CA TYR A 658 -24.91 -22.87 26.53
C TYR A 658 -25.84 -23.88 25.88
N ARG B 21 22.64 17.01 -17.09
CA ARG B 21 22.77 15.59 -17.36
C ARG B 21 24.22 15.23 -17.68
N ASP B 22 25.15 16.00 -17.14
CA ASP B 22 26.57 15.74 -17.27
C ASP B 22 27.19 15.28 -15.95
N PHE B 23 26.43 14.55 -15.15
CA PHE B 23 26.87 14.14 -13.83
C PHE B 23 27.61 12.81 -13.85
N LEU B 24 26.95 11.75 -14.31
CA LEU B 24 27.48 10.39 -14.26
C LEU B 24 27.53 9.80 -15.66
N TYR B 25 28.68 9.24 -16.01
CA TYR B 25 28.88 8.55 -17.28
C TYR B 25 29.35 7.14 -16.99
N VAL B 26 28.51 6.16 -17.27
CA VAL B 26 28.80 4.76 -16.97
C VAL B 26 29.10 4.04 -18.28
N GLY B 27 30.28 3.43 -18.34
CA GLY B 27 30.68 2.64 -19.49
C GLY B 27 30.63 1.16 -19.17
N VAL B 28 29.66 0.46 -19.76
CA VAL B 28 29.44 -0.95 -19.48
C VAL B 28 30.20 -1.80 -20.49
N MET B 29 30.96 -2.76 -20.00
CA MET B 29 31.73 -3.66 -20.85
C MET B 29 30.88 -4.85 -21.25
N THR B 30 31.05 -5.28 -22.50
CA THR B 30 30.28 -6.40 -23.05
C THR B 30 31.22 -7.26 -23.89
N ALA B 31 30.62 -8.16 -24.67
CA ALA B 31 31.37 -9.02 -25.57
C ALA B 31 30.52 -9.26 -26.81
N GLN B 32 31.18 -9.74 -27.87
CA GLN B 32 30.49 -9.94 -29.15
C GLN B 32 29.33 -10.92 -29.00
N LYS B 33 29.43 -11.88 -28.08
CA LYS B 33 28.34 -12.82 -27.84
C LYS B 33 27.29 -12.27 -26.90
N TYR B 34 27.46 -11.04 -26.39
CA TYR B 34 26.56 -10.47 -25.42
C TYR B 34 25.92 -9.16 -25.90
N LEU B 35 26.14 -8.79 -27.16
CA LEU B 35 25.58 -7.54 -27.66
C LEU B 35 24.06 -7.60 -27.72
N GLY B 36 23.51 -8.66 -28.31
CA GLY B 36 22.09 -8.83 -28.42
C GLY B 36 21.44 -9.55 -27.27
N SER B 37 22.20 -9.90 -26.24
CA SER B 37 21.67 -10.62 -25.09
C SER B 37 21.69 -9.78 -23.82
N ARG B 38 22.85 -9.29 -23.41
CA ARG B 38 22.95 -8.48 -22.20
C ARG B 38 23.05 -6.99 -22.48
N ALA B 39 23.80 -6.61 -23.52
CA ALA B 39 23.98 -5.19 -23.80
C ALA B 39 22.66 -4.51 -24.14
N LEU B 40 21.85 -5.15 -25.00
CA LEU B 40 20.57 -4.56 -25.38
C LEU B 40 19.64 -4.45 -24.17
N ALA B 41 19.58 -5.50 -23.35
CA ALA B 41 18.76 -5.46 -22.16
C ALA B 41 19.19 -4.34 -21.23
N ALA B 42 20.50 -4.22 -20.98
CA ALA B 42 20.99 -3.15 -20.12
C ALA B 42 20.71 -1.78 -20.71
N GLN B 43 20.73 -1.65 -22.03
CA GLN B 43 20.42 -0.38 -22.66
C GLN B 43 18.95 -0.02 -22.49
N ARG B 44 18.06 -1.01 -22.49
CA ARG B 44 16.64 -0.77 -22.34
C ARG B 44 16.16 -0.98 -20.91
N THR B 45 17.07 -1.12 -19.95
CA THR B 45 16.66 -1.37 -18.58
C THR B 45 17.08 -0.26 -17.61
N TRP B 46 18.37 0.05 -17.55
CA TRP B 46 18.84 1.06 -16.63
C TRP B 46 19.64 2.17 -17.29
N ALA B 47 19.99 2.04 -18.56
CA ALA B 47 20.61 3.14 -19.29
C ALA B 47 19.63 4.29 -19.51
N ARG B 48 18.33 4.04 -19.37
CA ARG B 48 17.32 5.06 -19.51
C ARG B 48 17.07 5.85 -18.23
N PHE B 49 17.72 5.47 -17.13
CA PHE B 49 17.57 6.17 -15.86
C PHE B 49 18.88 6.68 -15.28
N ILE B 50 20.02 6.33 -15.87
CA ILE B 50 21.29 6.85 -15.39
C ILE B 50 21.36 8.35 -15.69
N PRO B 51 21.63 9.20 -14.70
CA PRO B 51 21.70 10.64 -14.96
C PRO B 51 22.92 11.02 -15.77
N GLY B 52 22.89 10.73 -17.06
CA GLY B 52 24.02 11.01 -17.92
C GLY B 52 23.96 10.14 -19.18
N ARG B 53 25.14 9.78 -19.66
CA ARG B 53 25.29 9.01 -20.89
C ARG B 53 25.85 7.64 -20.58
N VAL B 54 25.27 6.61 -21.19
CA VAL B 54 25.71 5.23 -21.03
C VAL B 54 26.22 4.75 -22.39
N GLU B 55 27.47 4.30 -22.42
CA GLU B 55 28.10 3.84 -23.65
C GLU B 55 28.59 2.41 -23.48
N PHE B 56 28.38 1.61 -24.51
CA PHE B 56 28.72 0.19 -24.50
C PHE B 56 30.03 -0.04 -25.22
N PHE B 57 30.87 -0.88 -24.65
CA PHE B 57 32.20 -1.16 -25.18
C PHE B 57 32.35 -2.64 -25.44
N SER B 58 32.95 -2.98 -26.58
CA SER B 58 33.15 -4.35 -26.99
C SER B 58 34.53 -4.47 -27.62
N SER B 59 34.78 -5.58 -28.30
CA SER B 59 36.06 -5.86 -28.91
C SER B 59 36.05 -5.46 -30.39
N GLN B 60 37.25 -5.28 -30.93
CA GLN B 60 37.40 -4.89 -32.32
C GLN B 60 36.97 -6.02 -33.24
N GLN B 61 36.23 -5.67 -34.30
CA GLN B 61 35.74 -6.63 -35.26
C GLN B 61 36.33 -6.36 -36.63
N PRO B 62 36.76 -7.41 -37.36
CA PRO B 62 37.33 -7.28 -38.71
C PRO B 62 36.32 -6.74 -39.72
N PRO B 69 25.68 -5.47 -38.67
CA PRO B 69 24.70 -4.56 -38.06
C PRO B 69 24.41 -4.92 -36.60
N PRO B 70 25.27 -4.49 -35.69
CA PRO B 70 25.04 -4.78 -34.28
C PRO B 70 23.77 -4.13 -33.81
N PRO B 71 23.06 -4.76 -32.87
CA PRO B 71 21.78 -4.21 -32.40
C PRO B 71 21.92 -2.99 -31.52
N LEU B 72 23.13 -2.65 -31.08
CA LEU B 72 23.34 -1.53 -30.19
C LEU B 72 24.46 -0.65 -30.71
N PRO B 73 24.40 0.66 -30.44
CA PRO B 73 25.55 1.52 -30.73
C PRO B 73 26.67 1.26 -29.74
N VAL B 74 27.73 0.59 -30.20
CA VAL B 74 28.81 0.15 -29.33
C VAL B 74 30.13 0.69 -29.85
N ILE B 75 31.12 0.74 -28.96
CA ILE B 75 32.45 1.24 -29.26
C ILE B 75 33.40 0.06 -29.29
N ALA B 76 34.15 -0.08 -30.38
CA ALA B 76 35.12 -1.15 -30.56
C ALA B 76 36.50 -0.62 -30.22
N LEU B 77 37.02 -1.00 -29.06
CA LEU B 77 38.35 -0.56 -28.66
C LEU B 77 39.41 -1.31 -29.46
N PRO B 78 40.30 -0.60 -30.16
CA PRO B 78 41.29 -1.30 -30.99
C PRO B 78 42.21 -2.19 -30.17
N GLY B 79 42.59 -3.31 -30.77
CA GLY B 79 43.53 -4.22 -30.13
C GLY B 79 42.97 -4.97 -28.95
N VAL B 80 41.65 -5.13 -28.86
CA VAL B 80 40.99 -5.79 -27.73
C VAL B 80 40.26 -7.02 -28.25
N ASP B 81 40.44 -8.14 -27.57
CA ASP B 81 39.78 -9.39 -27.91
C ASP B 81 38.87 -9.84 -26.78
N ASP B 82 37.79 -10.52 -27.14
CA ASP B 82 36.80 -11.01 -26.17
C ASP B 82 37.39 -12.24 -25.48
N SER B 83 38.17 -12.01 -24.43
CA SER B 83 38.81 -13.08 -23.69
C SER B 83 38.60 -12.85 -22.20
N TYR B 84 37.87 -13.77 -21.55
CA TYR B 84 37.67 -13.70 -20.12
C TYR B 84 38.93 -14.13 -19.39
N PRO B 85 39.30 -13.44 -18.30
CA PRO B 85 38.67 -12.25 -17.72
C PRO B 85 38.94 -11.01 -18.56
N PRO B 86 38.03 -10.03 -18.54
CA PRO B 86 38.19 -8.87 -19.42
C PRO B 86 39.35 -7.98 -19.01
N GLN B 87 40.57 -8.52 -19.05
CA GLN B 87 41.75 -7.76 -18.68
C GLN B 87 42.22 -6.90 -19.86
N LYS B 88 42.57 -5.67 -19.55
CA LYS B 88 43.05 -4.63 -20.46
C LYS B 88 41.91 -4.09 -21.32
N LYS B 89 40.77 -4.77 -21.32
CA LYS B 89 39.58 -4.16 -21.93
C LYS B 89 39.04 -3.06 -21.05
N SER B 90 39.00 -3.29 -19.73
CA SER B 90 38.64 -2.24 -18.80
C SER B 90 39.64 -1.09 -18.85
N PHE B 91 40.94 -1.42 -18.99
CA PHE B 91 41.94 -0.37 -19.10
C PHE B 91 41.73 0.48 -20.35
N MET B 92 41.46 -0.16 -21.49
CA MET B 92 41.20 0.59 -22.72
C MET B 92 39.94 1.42 -22.59
N MET B 93 38.91 0.89 -21.94
CA MET B 93 37.68 1.65 -21.78
C MET B 93 37.87 2.84 -20.86
N ILE B 94 38.67 2.69 -19.80
CA ILE B 94 38.99 3.82 -18.93
C ILE B 94 39.79 4.87 -19.69
N LYS B 95 40.74 4.42 -20.51
CA LYS B 95 41.50 5.35 -21.34
C LYS B 95 40.58 6.12 -22.27
N TYR B 96 39.62 5.43 -22.88
CA TYR B 96 38.64 6.10 -23.75
C TYR B 96 37.81 7.10 -22.95
N MET B 97 37.38 6.70 -21.75
CA MET B 97 36.61 7.59 -20.88
C MET B 97 37.36 8.89 -20.63
N HIS B 98 38.62 8.78 -20.21
CA HIS B 98 39.39 9.98 -19.93
C HIS B 98 39.64 10.80 -21.20
N ASP B 99 40.02 10.13 -22.29
CA ASP B 99 40.39 10.87 -23.50
C ASP B 99 39.20 11.53 -24.17
N HIS B 100 37.98 11.10 -23.87
CA HIS B 100 36.82 11.65 -24.55
C HIS B 100 35.91 12.50 -23.67
N TYR B 101 35.70 12.12 -22.42
CA TYR B 101 34.70 12.81 -21.59
C TYR B 101 35.25 13.09 -20.20
N LEU B 102 36.52 13.50 -20.11
CA LEU B 102 37.10 13.78 -18.79
C LEU B 102 36.45 14.99 -18.15
N ASP B 103 36.35 16.09 -18.87
CA ASP B 103 35.83 17.34 -18.32
C ASP B 103 34.33 17.51 -18.57
N LYS B 104 33.69 16.58 -19.26
CA LYS B 104 32.26 16.66 -19.50
C LYS B 104 31.44 15.90 -18.47
N TYR B 105 32.09 15.21 -17.53
CA TYR B 105 31.37 14.46 -16.50
C TYR B 105 32.20 14.50 -15.22
N GLU B 106 31.51 14.27 -14.11
CA GLU B 106 32.16 14.26 -12.79
C GLU B 106 32.50 12.85 -12.32
N TRP B 107 31.67 11.87 -12.62
CA TRP B 107 31.88 10.50 -12.19
C TRP B 107 31.89 9.56 -13.40
N PHE B 108 32.70 8.51 -13.30
CA PHE B 108 32.80 7.50 -14.33
C PHE B 108 32.68 6.13 -13.67
N MET B 109 31.75 5.31 -14.16
CA MET B 109 31.52 3.99 -13.62
C MET B 109 31.90 2.93 -14.66
N ARG B 110 32.72 1.98 -14.23
CA ARG B 110 33.03 0.79 -15.02
C ARG B 110 32.15 -0.34 -14.51
N ALA B 111 31.37 -0.95 -15.40
CA ALA B 111 30.42 -1.97 -14.99
C ALA B 111 30.37 -3.08 -16.03
N ASP B 112 29.95 -4.26 -15.59
CA ASP B 112 29.72 -5.39 -16.47
C ASP B 112 28.33 -5.32 -17.07
N ASP B 113 28.08 -6.15 -18.07
CA ASP B 113 26.75 -6.20 -18.66
C ASP B 113 25.75 -6.88 -17.74
N ASP B 114 26.21 -7.77 -16.87
CA ASP B 114 25.33 -8.47 -15.94
C ASP B 114 25.22 -7.75 -14.61
N VAL B 115 24.92 -6.46 -14.65
CA VAL B 115 24.72 -5.67 -13.44
C VAL B 115 23.48 -4.81 -13.63
N TYR B 116 22.81 -4.51 -12.52
CA TYR B 116 21.67 -3.61 -12.51
C TYR B 116 22.00 -2.41 -11.65
N ILE B 117 21.87 -1.21 -12.21
CA ILE B 117 22.26 0.03 -11.55
C ILE B 117 21.04 0.92 -11.42
N LYS B 118 20.76 1.36 -10.19
CA LYS B 118 19.65 2.26 -9.93
C LYS B 118 20.14 3.70 -10.11
N GLY B 119 19.58 4.39 -11.10
CA GLY B 119 20.08 5.72 -11.44
C GLY B 119 19.89 6.74 -10.33
N ASP B 120 18.69 6.78 -9.75
CA ASP B 120 18.37 7.84 -8.80
C ASP B 120 19.13 7.69 -7.49
N LYS B 121 19.14 6.48 -6.93
CA LYS B 121 19.84 6.26 -5.68
C LYS B 121 21.34 6.53 -5.84
N LEU B 122 21.92 6.05 -6.93
CA LEU B 122 23.33 6.31 -7.19
C LEU B 122 23.58 7.80 -7.39
N GLU B 123 22.64 8.50 -8.03
CA GLU B 123 22.82 9.94 -8.24
C GLU B 123 22.87 10.67 -6.90
N GLU B 124 21.94 10.37 -6.00
CA GLU B 124 21.98 11.01 -4.68
C GLU B 124 23.25 10.64 -3.93
N PHE B 125 23.63 9.37 -3.95
CA PHE B 125 24.79 8.93 -3.18
C PHE B 125 26.07 9.59 -3.71
N LEU B 126 26.17 9.76 -5.03
CA LEU B 126 27.35 10.40 -5.61
C LEU B 126 27.31 11.92 -5.41
N ARG B 127 26.12 12.52 -5.46
CA ARG B 127 25.99 13.94 -5.23
C ARG B 127 26.32 14.31 -3.79
N SER B 128 26.18 13.38 -2.86
CA SER B 128 26.64 13.66 -1.51
C SER B 128 28.17 13.63 -1.38
N LEU B 129 28.93 13.61 -2.47
CA LEU B 129 30.38 13.47 -2.42
C LEU B 129 31.03 14.58 -3.24
N ASN B 130 32.29 14.87 -2.91
CA ASN B 130 33.08 15.87 -3.60
C ASN B 130 33.83 15.21 -4.75
N SER B 131 33.48 15.60 -5.99
CA SER B 131 34.10 14.99 -7.16
C SER B 131 35.56 15.40 -7.33
N SER B 132 35.97 16.53 -6.77
CA SER B 132 37.35 16.98 -6.90
C SER B 132 38.30 16.25 -5.96
N LYS B 133 37.79 15.44 -5.05
CA LYS B 133 38.71 14.63 -4.26
C LYS B 133 38.85 13.25 -4.89
N PRO B 134 40.04 12.66 -4.86
CA PRO B 134 40.21 11.33 -5.47
C PRO B 134 39.39 10.27 -4.76
N LEU B 135 38.36 9.76 -5.43
CA LEU B 135 37.47 8.76 -4.87
C LEU B 135 37.42 7.56 -5.79
N TYR B 136 37.62 6.37 -5.23
CA TYR B 136 37.62 5.11 -5.98
C TYR B 136 36.59 4.21 -5.30
N LEU B 137 35.34 4.34 -5.73
CA LEU B 137 34.22 3.70 -5.06
C LEU B 137 34.00 2.29 -5.59
N GLY B 138 33.28 1.50 -4.79
CA GLY B 138 33.01 0.11 -5.11
C GLY B 138 33.02 -0.75 -3.86
N GLN B 139 32.52 -1.97 -3.96
CA GLN B 139 32.53 -2.87 -2.81
C GLN B 139 33.96 -3.35 -2.53
N THR B 140 34.29 -3.45 -1.26
CA THR B 140 35.63 -3.88 -0.86
C THR B 140 35.88 -5.31 -1.30
N GLY B 141 37.08 -5.57 -1.81
CA GLY B 141 37.45 -6.90 -2.24
C GLY B 141 38.47 -7.54 -1.32
N LEU B 142 38.09 -8.62 -0.66
CA LEU B 142 38.97 -9.31 0.27
C LEU B 142 38.88 -10.83 0.08
N LEU B 151 46.95 -13.77 -5.04
CA LEU B 151 47.16 -12.40 -5.50
C LEU B 151 48.46 -11.84 -4.95
N GLY B 152 48.63 -10.53 -5.10
CA GLY B 152 49.82 -9.85 -4.60
C GLY B 152 49.48 -8.74 -3.63
N LEU B 153 48.49 -8.98 -2.77
CA LEU B 153 48.00 -7.97 -1.84
C LEU B 153 48.77 -8.04 -0.53
N GLU B 154 49.75 -7.17 -0.38
CA GLU B 154 50.35 -6.94 0.92
C GLU B 154 49.24 -6.40 1.82
N PRO B 155 48.99 -6.99 2.99
CA PRO B 155 47.76 -6.64 3.72
C PRO B 155 47.76 -5.19 4.17
N GLY B 156 46.59 -4.57 4.09
CA GLY B 156 46.44 -3.14 4.29
C GLY B 156 45.87 -2.41 3.08
N GLU B 157 46.05 -2.95 1.89
CA GLU B 157 45.46 -2.41 0.67
C GLU B 157 44.38 -3.36 0.17
N ASN B 158 43.62 -2.90 -0.82
CA ASN B 158 42.49 -3.66 -1.32
C ASN B 158 42.18 -3.22 -2.75
N PHE B 159 41.02 -3.63 -3.24
CA PHE B 159 40.59 -3.33 -4.60
C PHE B 159 39.07 -3.44 -4.64
N CYS B 160 38.44 -2.57 -5.42
CA CYS B 160 36.99 -2.65 -5.60
C CYS B 160 36.65 -3.84 -6.49
N MET B 161 35.71 -4.67 -6.04
CA MET B 161 35.31 -5.82 -6.84
C MET B 161 34.61 -5.36 -8.11
N GLY B 162 34.96 -6.00 -9.23
CA GLY B 162 34.42 -5.60 -10.51
C GLY B 162 33.00 -6.05 -10.78
N GLY B 163 32.43 -6.87 -9.91
CA GLY B 163 31.09 -7.36 -10.11
C GLY B 163 30.02 -6.29 -9.95
N PRO B 164 29.84 -5.81 -8.72
CA PRO B 164 28.79 -4.81 -8.49
C PRO B 164 28.99 -3.52 -9.26
N GLY B 165 30.23 -3.12 -9.52
CA GLY B 165 30.44 -1.88 -10.26
C GLY B 165 31.33 -0.95 -9.46
N MET B 166 32.40 -0.49 -10.11
CA MET B 166 33.39 0.39 -9.49
C MET B 166 33.30 1.77 -10.11
N ILE B 167 33.15 2.79 -9.26
CA ILE B 167 32.96 4.17 -9.69
C ILE B 167 34.23 4.95 -9.38
N PHE B 168 34.74 5.66 -10.37
CA PHE B 168 35.87 6.57 -10.18
C PHE B 168 35.36 8.01 -10.17
N SER B 169 36.27 8.92 -9.82
CA SER B 169 36.02 10.35 -9.90
C SER B 169 36.85 10.94 -11.02
N ARG B 170 36.61 12.23 -11.30
CA ARG B 170 37.39 12.92 -12.31
C ARG B 170 38.86 12.98 -11.91
N GLU B 171 39.14 13.24 -10.64
CA GLU B 171 40.52 13.34 -10.19
C GLU B 171 41.24 12.01 -10.28
N VAL B 172 40.54 10.91 -9.96
CA VAL B 172 41.15 9.58 -10.07
C VAL B 172 41.54 9.30 -11.51
N LEU B 173 40.63 9.60 -12.45
CA LEU B 173 40.95 9.45 -13.86
C LEU B 173 42.17 10.29 -14.23
N ARG B 174 42.15 11.57 -13.87
CA ARG B 174 43.21 12.48 -14.28
C ARG B 174 44.56 12.08 -13.70
N ARG B 175 44.57 11.47 -12.52
CA ARG B 175 45.83 11.05 -11.92
C ARG B 175 46.26 9.65 -12.34
N MET B 176 45.35 8.82 -12.83
CA MET B 176 45.67 7.43 -13.14
C MET B 176 45.96 7.18 -14.60
N VAL B 177 45.17 7.75 -15.51
CA VAL B 177 45.24 7.34 -16.92
C VAL B 177 46.58 7.60 -17.61
N PRO B 178 47.42 8.56 -17.21
CA PRO B 178 48.75 8.64 -17.83
C PRO B 178 49.62 7.43 -17.57
N HIS B 179 49.29 6.62 -16.55
CA HIS B 179 50.08 5.46 -16.18
C HIS B 179 49.36 4.15 -16.44
N ILE B 180 48.30 4.17 -17.27
CA ILE B 180 47.59 2.93 -17.56
C ILE B 180 48.47 1.98 -18.35
N GLY B 181 49.26 2.50 -19.28
CA GLY B 181 50.22 1.64 -19.98
C GLY B 181 51.25 1.05 -19.05
N GLU B 182 51.74 1.85 -18.10
CA GLU B 182 52.68 1.33 -17.11
C GLU B 182 52.04 0.21 -16.29
N CYS B 183 50.79 0.41 -15.88
CA CYS B 183 50.08 -0.65 -15.14
C CYS B 183 49.93 -1.90 -15.99
N LEU B 184 49.65 -1.72 -17.28
CA LEU B 184 49.48 -2.86 -18.17
C LEU B 184 50.78 -3.63 -18.37
N ARG B 185 51.93 -2.93 -18.32
CA ARG B 185 53.19 -3.63 -18.50
C ARG B 185 53.70 -4.30 -17.22
N GLU B 186 53.08 -4.04 -16.07
CA GLU B 186 53.45 -4.69 -14.82
C GLU B 186 52.35 -5.63 -14.33
N MET B 187 51.73 -6.35 -15.27
CA MET B 187 50.64 -7.25 -14.93
C MET B 187 51.13 -8.36 -14.02
N TYR B 188 50.42 -8.59 -12.92
CA TYR B 188 50.81 -9.61 -11.95
C TYR B 188 49.78 -10.73 -11.85
N THR B 189 48.52 -10.42 -11.60
CA THR B 189 47.47 -11.41 -11.47
C THR B 189 46.67 -11.52 -12.76
N THR B 190 45.75 -12.48 -12.77
CA THR B 190 44.87 -12.71 -13.91
C THR B 190 43.47 -12.14 -13.67
N HIS B 191 43.28 -11.35 -12.64
CA HIS B 191 42.00 -10.72 -12.35
C HIS B 191 42.06 -9.25 -12.74
N GLU B 192 41.05 -8.79 -13.49
CA GLU B 192 41.08 -7.42 -13.98
C GLU B 192 40.81 -6.41 -12.87
N ASP B 193 39.89 -6.71 -11.95
CA ASP B 193 39.56 -5.76 -10.89
C ASP B 193 40.73 -5.57 -9.93
N VAL B 194 41.46 -6.64 -9.63
CA VAL B 194 42.66 -6.50 -8.81
C VAL B 194 43.67 -5.59 -9.48
N GLU B 195 43.86 -5.76 -10.80
CA GLU B 195 44.81 -4.92 -11.52
C GLU B 195 44.37 -3.47 -11.55
N VAL B 196 43.06 -3.22 -11.72
CA VAL B 196 42.58 -1.84 -11.74
C VAL B 196 42.74 -1.20 -10.37
N GLY B 197 42.45 -1.94 -9.30
CA GLY B 197 42.65 -1.40 -7.96
C GLY B 197 44.11 -1.11 -7.70
N ARG B 198 45.01 -2.00 -8.14
CA ARG B 198 46.44 -1.76 -7.98
C ARG B 198 46.87 -0.52 -8.76
N CYS B 199 46.34 -0.33 -9.97
CA CYS B 199 46.64 0.86 -10.74
C CYS B 199 46.17 2.11 -10.02
N VAL B 200 44.97 2.08 -9.45
CA VAL B 200 44.45 3.23 -8.71
C VAL B 200 45.38 3.56 -7.55
N ARG B 201 45.75 2.55 -6.76
CA ARG B 201 46.58 2.78 -5.59
C ARG B 201 47.96 3.30 -5.98
N ARG B 202 48.56 2.73 -7.02
CA ARG B 202 49.87 3.20 -7.47
C ARG B 202 49.79 4.61 -8.01
N PHE B 203 48.73 4.93 -8.75
CA PHE B 203 48.53 6.26 -9.32
C PHE B 203 47.06 6.62 -9.12
N GLY B 204 46.79 7.44 -8.11
CA GLY B 204 45.46 7.93 -7.81
C GLY B 204 45.28 8.17 -6.33
N GLY B 205 46.22 7.69 -5.54
CA GLY B 205 46.27 7.99 -4.12
C GLY B 205 45.01 7.61 -3.37
N THR B 206 44.41 6.47 -3.72
CA THR B 206 43.18 6.05 -3.09
C THR B 206 43.09 4.52 -3.14
N GLN B 207 42.47 3.95 -2.13
CA GLN B 207 42.09 2.55 -2.11
C GLN B 207 40.58 2.44 -2.24
N CYS B 208 40.08 1.21 -2.31
CA CYS B 208 38.65 1.01 -2.29
C CYS B 208 38.10 1.36 -0.92
N VAL B 209 36.81 1.71 -0.88
CA VAL B 209 36.17 2.09 0.36
C VAL B 209 36.07 0.87 1.29
N TRP B 210 36.50 1.05 2.53
CA TRP B 210 36.54 -0.05 3.49
C TRP B 210 35.24 -0.24 4.27
N SER B 211 34.26 0.66 4.11
CA SER B 211 33.07 0.62 4.94
C SER B 211 32.24 -0.62 4.66
N TYR B 212 31.64 -1.19 5.71
CA TYR B 212 30.75 -2.33 5.56
C TYR B 212 29.47 -1.95 4.83
N GLU B 213 29.13 -0.66 4.78
CA GLU B 213 27.92 -0.25 4.08
C GLU B 213 28.00 -0.53 2.58
N MET B 214 29.21 -0.65 2.03
CA MET B 214 29.36 -0.92 0.61
C MET B 214 28.81 -2.29 0.25
N GLN B 215 28.99 -3.28 1.11
CA GLN B 215 28.45 -4.61 0.85
C GLN B 215 26.94 -4.61 0.73
N GLN B 216 26.27 -3.62 1.33
CA GLN B 216 24.83 -3.47 1.18
C GLN B 216 24.49 -2.60 -0.04
N LEU B 217 25.20 -1.49 -0.21
CA LEU B 217 24.91 -0.58 -1.32
C LEU B 217 25.22 -1.24 -2.66
N PHE B 218 26.42 -1.80 -2.81
CA PHE B 218 26.84 -2.47 -4.02
C PHE B 218 26.79 -3.97 -3.76
N HIS B 219 25.61 -4.56 -3.93
CA HIS B 219 25.41 -5.95 -3.55
C HIS B 219 26.11 -6.88 -4.53
N GLU B 220 26.64 -7.98 -3.98
CA GLU B 220 27.28 -9.01 -4.78
C GLU B 220 26.38 -10.19 -5.08
N ASN B 221 25.41 -10.47 -4.20
CA ASN B 221 24.35 -11.45 -4.45
C ASN B 221 24.92 -12.81 -4.87
N TYR B 222 26.07 -13.18 -4.30
CA TYR B 222 26.73 -14.43 -4.65
C TYR B 222 26.84 -15.40 -3.48
N GLU B 223 26.76 -14.93 -2.24
CA GLU B 223 26.72 -15.86 -1.12
C GLU B 223 25.49 -16.76 -1.20
N HIS B 224 24.34 -16.20 -1.54
CA HIS B 224 23.15 -16.94 -1.89
C HIS B 224 22.86 -16.75 -3.37
N ASN B 225 21.85 -17.45 -3.87
CA ASN B 225 21.43 -17.38 -5.27
C ASN B 225 22.59 -17.75 -6.20
N ARG B 226 23.04 -19.00 -6.08
CA ARG B 226 24.19 -19.48 -6.82
C ARG B 226 23.93 -19.56 -8.33
N LYS B 227 22.67 -19.57 -8.76
CA LYS B 227 22.36 -19.81 -10.16
C LYS B 227 22.94 -18.72 -11.06
N GLY B 228 22.82 -17.46 -10.66
CA GLY B 228 23.40 -16.37 -11.42
C GLY B 228 22.39 -15.40 -11.99
N TYR B 229 21.19 -15.36 -11.42
CA TYR B 229 20.18 -14.39 -11.82
C TYR B 229 19.26 -14.15 -10.63
N ILE B 230 18.85 -12.89 -10.46
CA ILE B 230 18.06 -12.51 -9.29
C ILE B 230 16.71 -13.20 -9.35
N GLN B 231 16.39 -13.96 -8.30
CA GLN B 231 15.13 -14.68 -8.20
C GLN B 231 14.24 -14.16 -7.08
N ASP B 232 14.77 -14.05 -5.87
CA ASP B 232 14.00 -13.55 -4.73
C ASP B 232 14.08 -12.03 -4.74
N LEU B 233 13.00 -11.38 -5.19
CA LEU B 233 12.97 -9.94 -5.34
C LEU B 233 12.49 -9.20 -4.10
N HIS B 234 11.98 -9.91 -3.10
CA HIS B 234 11.38 -9.29 -1.93
C HIS B 234 12.31 -9.38 -0.71
N ASN B 235 13.61 -9.25 -0.94
CA ASN B 235 14.59 -9.23 0.13
C ASN B 235 14.98 -7.78 0.43
N SER B 236 15.23 -7.51 1.71
CA SER B 236 15.66 -6.16 2.10
C SER B 236 16.99 -5.80 1.47
N LYS B 237 17.86 -6.79 1.23
CA LYS B 237 19.12 -6.52 0.57
C LYS B 237 18.92 -6.00 -0.85
N ILE B 238 17.96 -6.59 -1.57
CA ILE B 238 17.68 -6.12 -2.93
C ILE B 238 17.15 -4.71 -2.90
N HIS B 239 16.22 -4.42 -1.98
CA HIS B 239 15.62 -3.09 -1.91
C HIS B 239 16.66 -2.03 -1.53
N ALA B 240 17.54 -2.34 -0.58
CA ALA B 240 18.47 -1.35 -0.06
C ALA B 240 19.73 -1.20 -0.88
N ALA B 241 19.92 -2.03 -1.91
CA ALA B 241 21.14 -1.97 -2.70
C ALA B 241 21.00 -0.91 -3.80
N ILE B 242 22.15 -0.48 -4.31
CA ILE B 242 22.22 0.45 -5.43
C ILE B 242 22.52 -0.28 -6.73
N THR B 243 23.54 -1.13 -6.72
CA THR B 243 23.91 -1.94 -7.88
C THR B 243 23.76 -3.41 -7.53
N LEU B 244 23.08 -4.16 -8.39
CA LEU B 244 22.84 -5.59 -8.19
C LEU B 244 23.55 -6.37 -9.28
N HIS B 245 24.23 -7.44 -8.89
CA HIS B 245 25.02 -8.27 -9.78
C HIS B 245 25.09 -9.66 -9.18
N PRO B 246 25.09 -10.72 -10.01
CA PRO B 246 24.97 -10.75 -11.48
C PRO B 246 23.54 -10.89 -11.96
N ASN B 247 23.30 -10.59 -13.24
CA ASN B 247 21.98 -10.71 -13.86
C ASN B 247 22.11 -11.36 -15.22
N LYS B 248 22.79 -12.52 -15.25
CA LYS B 248 23.15 -13.17 -16.52
C LYS B 248 21.96 -13.33 -17.46
N ARG B 249 20.81 -13.71 -16.92
CA ARG B 249 19.64 -13.96 -17.76
C ARG B 249 18.97 -12.65 -18.14
N PRO B 250 18.88 -12.30 -19.43
CA PRO B 250 18.26 -11.03 -19.81
C PRO B 250 16.79 -10.91 -19.40
N ALA B 251 16.04 -12.01 -19.47
CA ALA B 251 14.63 -11.96 -19.08
C ALA B 251 14.50 -11.62 -17.60
N TYR B 252 15.35 -12.20 -16.76
CA TYR B 252 15.33 -11.84 -15.35
C TYR B 252 15.80 -10.41 -15.11
N GLN B 253 16.67 -9.90 -15.99
CA GLN B 253 17.03 -8.49 -15.93
C GLN B 253 15.82 -7.59 -16.18
N TYR B 254 15.03 -7.93 -17.21
CA TYR B 254 13.81 -7.18 -17.48
C TYR B 254 12.82 -7.30 -16.32
N ARG B 255 12.72 -8.49 -15.73
CA ARG B 255 11.83 -8.68 -14.59
C ARG B 255 12.25 -7.83 -13.41
N LEU B 256 13.55 -7.77 -13.13
CA LEU B 256 14.05 -6.92 -12.06
C LEU B 256 13.79 -5.44 -12.35
N HIS B 257 13.96 -5.02 -13.61
CA HIS B 257 13.65 -3.65 -13.97
C HIS B 257 12.18 -3.33 -13.75
N ASN B 258 11.29 -4.25 -14.15
CA ASN B 258 9.87 -4.03 -13.94
C ASN B 258 9.53 -3.95 -12.46
N TYR B 259 10.19 -4.79 -11.64
CA TYR B 259 9.95 -4.71 -10.20
C TYR B 259 10.41 -3.39 -9.62
N MET B 260 11.58 -2.90 -10.06
CA MET B 260 12.08 -1.62 -9.55
C MET B 260 11.17 -0.48 -9.97
N LEU B 261 10.68 -0.51 -11.20
CA LEU B 261 9.75 0.53 -11.64
C LEU B 261 8.42 0.44 -10.90
N SER B 262 7.98 -0.78 -10.56
CA SER B 262 6.78 -0.92 -9.75
C SER B 262 6.99 -0.32 -8.35
N ARG B 263 8.17 -0.53 -7.78
CA ARG B 263 8.48 0.08 -6.49
C ARG B 263 8.49 1.60 -6.59
N LYS B 264 9.04 2.13 -7.67
CA LYS B 264 9.03 3.58 -7.87
C LYS B 264 7.60 4.11 -8.00
N ILE B 265 6.75 3.38 -8.72
CA ILE B 265 5.36 3.78 -8.85
C ILE B 265 4.66 3.76 -7.50
N SER B 266 4.94 2.74 -6.68
CA SER B 266 4.33 2.69 -5.36
C SER B 266 4.79 3.85 -4.49
N GLU B 267 6.07 4.19 -4.56
CA GLU B 267 6.57 5.35 -3.82
C GLU B 267 5.91 6.63 -4.29
N LEU B 268 5.72 6.77 -5.60
CA LEU B 268 5.05 7.97 -6.13
C LEU B 268 3.59 8.02 -5.69
N ARG B 269 2.92 6.87 -5.61
CA ARG B 269 1.55 6.84 -5.13
C ARG B 269 1.47 7.25 -3.67
N TYR B 270 2.42 6.79 -2.85
CA TYR B 270 2.46 7.24 -1.47
C TYR B 270 2.72 8.74 -1.40
N ARG B 271 3.56 9.25 -2.30
CA ARG B 271 3.77 10.70 -2.36
C ARG B 271 2.49 11.44 -2.70
N THR B 272 1.69 10.88 -3.62
CA THR B 272 0.40 11.50 -3.94
C THR B 272 -0.53 11.50 -2.72
N ILE B 273 -0.52 10.41 -1.96
CA ILE B 273 -1.34 10.37 -0.75
C ILE B 273 -0.90 11.44 0.24
N GLN B 274 0.41 11.59 0.41
CA GLN B 274 0.92 12.62 1.31
C GLN B 274 0.55 14.02 0.83
N LEU B 275 0.63 14.25 -0.49
CA LEU B 275 0.27 15.55 -1.03
C LEU B 275 -1.22 15.84 -0.82
N HIS B 276 -2.07 14.83 -1.00
CA HIS B 276 -3.49 15.00 -0.73
C HIS B 276 -3.75 15.33 0.73
N ARG B 277 -3.06 14.63 1.64
CA ARG B 277 -3.20 14.94 3.06
C ARG B 277 -2.79 16.37 3.35
N GLU B 278 -1.65 16.79 2.80
CA GLU B 278 -1.18 18.15 3.02
C GLU B 278 -2.16 19.17 2.46
N SER B 279 -2.70 18.92 1.27
CA SER B 279 -3.67 19.85 0.68
C SER B 279 -4.92 19.96 1.53
N ALA B 280 -5.44 18.82 2.02
CA ALA B 280 -6.63 18.86 2.86
C ALA B 280 -6.38 19.65 4.14
N LEU B 281 -5.26 19.36 4.81
CA LEU B 281 -4.92 20.10 6.02
C LEU B 281 -4.75 21.58 5.74
N MET B 282 -4.14 21.90 4.59
CA MET B 282 -3.81 23.29 4.29
C MET B 282 -5.07 24.07 3.99
N SER B 283 -6.03 23.44 3.31
CA SER B 283 -7.33 24.05 3.09
C SER B 283 -8.10 24.20 4.40
N LYS B 284 -7.94 23.24 5.31
CA LYS B 284 -8.57 23.39 6.63
C LYS B 284 -8.02 24.61 7.35
N LEU B 285 -6.71 24.81 7.29
CA LEU B 285 -6.09 25.93 7.99
C LEU B 285 -6.56 27.28 7.43
N SER B 286 -6.70 27.37 6.12
CA SER B 286 -7.11 28.61 5.47
C SER B 286 -8.61 28.88 5.56
N ASN B 287 -9.33 28.11 6.38
CA ASN B 287 -10.77 28.28 6.56
C ASN B 287 -11.52 28.21 5.23
N THR B 288 -11.20 27.20 4.44
CA THR B 288 -11.84 26.96 3.15
C THR B 288 -12.27 25.51 3.06
N GLU B 289 -13.38 25.27 2.37
CA GLU B 289 -13.89 23.92 2.21
C GLU B 289 -12.91 23.09 1.37
N VAL B 290 -12.63 21.88 1.84
CA VAL B 290 -11.75 20.99 1.11
C VAL B 290 -12.48 20.40 -0.09
N SER B 291 -11.73 20.12 -1.15
CA SER B 291 -12.32 19.52 -2.33
C SER B 291 -12.55 18.03 -2.10
N LYS B 292 -13.40 17.44 -2.95
CA LYS B 292 -13.79 16.05 -2.78
C LYS B 292 -12.60 15.11 -2.91
N GLU B 293 -11.69 15.40 -3.85
CA GLU B 293 -10.56 14.51 -4.08
C GLU B 293 -9.54 14.57 -2.96
N ASP B 294 -9.59 15.59 -2.11
CA ASP B 294 -8.61 15.75 -1.03
C ASP B 294 -9.09 15.25 0.31
N GLN B 295 -10.39 14.98 0.48
CA GLN B 295 -10.87 14.50 1.77
C GLN B 295 -10.86 12.98 1.85
N GLN B 296 -11.26 12.29 0.78
CA GLN B 296 -11.27 10.84 0.81
C GLN B 296 -9.85 10.28 0.92
N LEU B 297 -8.89 10.89 0.22
CA LEU B 297 -7.49 10.48 0.30
C LEU B 297 -6.72 11.21 1.38
N GLY B 298 -7.31 12.22 2.03
CA GLY B 298 -6.63 12.98 3.04
C GLY B 298 -6.99 12.59 4.45
N VAL B 299 -7.56 11.40 4.63
CA VAL B 299 -7.91 10.92 5.96
C VAL B 299 -6.64 10.62 6.74
N ILE B 300 -6.57 11.13 7.97
CA ILE B 300 -5.39 10.93 8.80
C ILE B 300 -5.40 9.51 9.38
N GLN B 307 -17.06 8.28 17.18
CA GLN B 307 -17.21 6.82 17.13
C GLN B 307 -18.40 6.44 16.25
N PRO B 308 -18.40 5.20 15.75
CA PRO B 308 -19.52 4.75 14.93
C PRO B 308 -20.86 4.81 15.63
N ARG B 309 -20.88 4.82 16.96
CA ARG B 309 -22.09 4.96 17.76
C ARG B 309 -23.03 3.77 17.59
N GLU B 310 -23.57 3.58 16.38
CA GLU B 310 -24.57 2.55 16.18
C GLU B 310 -23.92 1.17 16.25
N ARG B 311 -24.63 0.22 16.87
CA ARG B 311 -24.02 -1.05 17.21
C ARG B 311 -23.58 -1.85 15.98
N ASN B 312 -24.41 -1.89 14.95
CA ASN B 312 -24.11 -2.69 13.77
C ASN B 312 -23.25 -1.93 12.76
N GLU B 313 -22.59 -0.86 13.18
CA GLU B 313 -21.76 -0.07 12.28
C GLU B 313 -20.27 -0.22 12.53
N VAL B 314 -19.87 -0.63 13.73
CA VAL B 314 -18.45 -0.81 14.02
C VAL B 314 -17.94 -2.02 13.25
N ILE B 315 -16.82 -1.83 12.54
CA ILE B 315 -16.23 -2.90 11.74
C ILE B 315 -15.42 -3.80 12.67
N GLU B 316 -15.82 -5.06 12.76
CA GLU B 316 -15.11 -6.01 13.60
C GLU B 316 -13.77 -6.39 12.99
N TRP B 317 -12.86 -6.82 13.84
CA TRP B 317 -11.52 -7.22 13.43
C TRP B 317 -11.41 -8.74 13.38
N GLU B 318 -10.33 -9.22 12.79
CA GLU B 318 -10.07 -10.64 12.62
C GLU B 318 -8.75 -11.01 13.27
N PHE B 319 -8.73 -12.14 13.98
CA PHE B 319 -7.54 -12.59 14.68
C PHE B 319 -6.60 -13.28 13.71
N LEU B 320 -5.33 -12.89 13.72
CA LEU B 320 -4.33 -13.43 12.82
C LEU B 320 -3.15 -13.95 13.64
N THR B 321 -3.06 -15.27 13.78
CA THR B 321 -1.91 -15.88 14.43
C THR B 321 -0.82 -16.11 13.40
N GLY B 322 0.19 -16.91 13.75
CA GLY B 322 1.26 -17.20 12.81
C GLY B 322 0.77 -17.92 11.57
N LYS B 323 -0.13 -18.91 11.74
CA LYS B 323 -0.61 -19.68 10.60
C LYS B 323 -2.10 -19.98 10.67
N LEU B 324 -2.87 -19.22 11.44
CA LEU B 324 -4.31 -19.42 11.53
C LEU B 324 -5.01 -18.08 11.51
N LEU B 325 -6.26 -18.07 11.04
CA LEU B 325 -7.06 -16.86 10.95
C LEU B 325 -8.45 -17.13 11.51
N TYR B 326 -8.91 -16.24 12.38
CA TYR B 326 -10.25 -16.30 12.96
C TYR B 326 -11.05 -15.09 12.49
N SER B 327 -12.30 -15.33 12.08
CA SER B 327 -13.15 -14.28 11.57
C SER B 327 -14.51 -14.35 12.24
N ALA B 328 -15.24 -13.23 12.19
CA ALA B 328 -16.57 -13.14 12.78
C ALA B 328 -17.68 -13.08 11.75
N ALA B 329 -17.37 -12.85 10.48
CA ALA B 329 -18.39 -12.79 9.45
C ALA B 329 -19.05 -14.15 9.26
N GLU B 330 -20.35 -14.13 8.96
CA GLU B 330 -21.07 -15.37 8.74
C GLU B 330 -20.56 -16.10 7.50
N ASN B 331 -20.18 -15.35 6.46
CA ASN B 331 -19.67 -15.97 5.25
C ASN B 331 -18.37 -16.72 5.52
N GLN B 332 -17.45 -16.09 6.26
CA GLN B 332 -16.17 -16.73 6.54
C GLN B 332 -16.33 -17.79 7.62
N PRO B 333 -15.58 -18.88 7.54
CA PRO B 333 -15.61 -19.89 8.60
C PRO B 333 -14.57 -19.57 9.67
N PRO B 334 -14.92 -19.69 10.94
CA PRO B 334 -13.94 -19.44 12.00
C PRO B 334 -12.81 -20.46 11.97
N ARG B 335 -11.64 -20.02 12.42
CA ARG B 335 -10.44 -20.87 12.50
C ARG B 335 -10.08 -21.45 11.15
N GLN B 336 -10.27 -20.67 10.09
CA GLN B 336 -9.80 -21.08 8.78
C GLN B 336 -8.28 -20.96 8.71
N SER B 337 -7.65 -21.86 7.96
CA SER B 337 -6.22 -21.82 7.81
C SER B 337 -5.80 -20.56 7.07
N LEU B 338 -4.62 -20.05 7.43
CA LEU B 338 -4.12 -18.82 6.82
C LEU B 338 -3.79 -19.08 5.35
N SER B 339 -4.49 -18.38 4.47
CA SER B 339 -4.30 -18.57 3.03
C SER B 339 -2.91 -18.09 2.61
N SER B 340 -2.43 -18.66 1.51
CA SER B 340 -1.12 -18.26 1.00
C SER B 340 -1.11 -16.80 0.59
N ILE B 341 -2.23 -16.29 0.08
CA ILE B 341 -2.33 -14.87 -0.23
C ILE B 341 -2.18 -14.03 1.02
N LEU B 342 -2.89 -14.41 2.09
CA LEU B 342 -2.79 -13.69 3.35
C LEU B 342 -1.38 -13.79 3.92
N ARG B 343 -0.76 -14.97 3.81
CA ARG B 343 0.59 -15.14 4.32
C ARG B 343 1.57 -14.24 3.57
N THR B 344 1.46 -14.20 2.24
CA THR B 344 2.36 -13.34 1.46
C THR B 344 2.13 -11.87 1.77
N ALA B 345 0.86 -11.46 1.92
CA ALA B 345 0.58 -10.07 2.26
C ALA B 345 1.14 -9.71 3.62
N LEU B 346 0.98 -10.60 4.61
CA LEU B 346 1.51 -10.34 5.93
C LEU B 346 3.04 -10.29 5.92
N ASP B 347 3.67 -11.17 5.13
CA ASP B 347 5.12 -11.14 5.03
C ASP B 347 5.61 -9.83 4.42
N ASP B 348 4.93 -9.36 3.37
CA ASP B 348 5.31 -8.10 2.76
C ASP B 348 5.09 -6.93 3.72
N THR B 349 3.99 -6.95 4.46
CA THR B 349 3.73 -5.90 5.44
C THR B 349 4.79 -5.89 6.53
N VAL B 350 5.17 -7.06 7.02
CA VAL B 350 6.21 -7.14 8.06
C VAL B 350 7.55 -6.68 7.50
N LEU B 351 7.84 -7.02 6.23
CA LEU B 351 9.08 -6.54 5.62
C LEU B 351 9.09 -5.03 5.53
N GLN B 352 7.97 -4.43 5.13
CA GLN B 352 7.89 -2.97 5.08
C GLN B 352 8.05 -2.36 6.47
N VAL B 353 7.46 -2.98 7.48
CA VAL B 353 7.59 -2.48 8.85
C VAL B 353 9.04 -2.53 9.29
N MET B 354 9.73 -3.64 9.01
CA MET B 354 11.14 -3.75 9.39
C MET B 354 11.99 -2.74 8.64
N GLU B 355 11.69 -2.51 7.35
CA GLU B 355 12.42 -1.51 6.58
C GLU B 355 12.23 -0.12 7.16
N MET B 356 11.00 0.21 7.57
CA MET B 356 10.69 1.53 8.10
C MET B 356 10.94 1.65 9.59
N ILE B 357 11.40 0.58 10.24
CA ILE B 357 11.79 0.63 11.64
C ILE B 357 13.30 0.75 11.80
N ASN B 358 14.05 0.01 10.99
CA ASN B 358 15.51 0.07 10.99
C ASN B 358 16.06 1.33 10.33
N GLU B 359 15.21 2.31 10.02
CA GLU B 359 15.66 3.52 9.35
C GLU B 359 16.42 4.44 10.29
N ASN B 360 16.28 4.27 11.60
CA ASN B 360 16.93 5.14 12.57
C ASN B 360 18.31 4.64 12.98
N ALA B 361 18.79 3.55 12.39
CA ALA B 361 20.10 3.02 12.72
C ALA B 361 21.21 3.96 12.24
N ARG B 366 19.43 -0.68 17.30
CA ARG B 366 20.34 -0.95 16.19
C ARG B 366 19.64 -1.78 15.11
N LEU B 367 20.35 -2.78 14.58
CA LEU B 367 19.82 -3.62 13.52
C LEU B 367 18.70 -4.50 14.08
N ILE B 368 17.47 -4.15 13.78
CA ILE B 368 16.31 -4.90 14.27
C ILE B 368 16.09 -6.11 13.38
N ASP B 369 15.79 -7.24 14.01
CA ASP B 369 15.52 -8.49 13.31
C ASP B 369 14.14 -9.01 13.68
N PHE B 370 13.43 -9.53 12.70
CA PHE B 370 12.08 -10.05 12.88
C PHE B 370 12.10 -11.58 12.95
N LYS B 371 11.34 -12.14 13.88
CA LYS B 371 11.30 -13.58 14.09
C LYS B 371 9.96 -14.19 13.73
N GLU B 372 8.87 -13.73 14.34
CA GLU B 372 7.55 -14.30 14.08
C GLU B 372 6.50 -13.35 14.62
N ILE B 373 5.24 -13.64 14.29
CA ILE B 373 4.09 -12.88 14.76
C ILE B 373 3.35 -13.75 15.77
N GLN B 374 3.33 -13.30 17.03
CA GLN B 374 2.60 -14.04 18.05
C GLN B 374 1.10 -14.01 17.80
N TYR B 375 0.57 -12.84 17.44
CA TYR B 375 -0.84 -12.71 17.09
C TYR B 375 -1.01 -11.39 16.36
N GLY B 376 -2.18 -11.22 15.74
CA GLY B 376 -2.44 -10.01 14.99
C GLY B 376 -3.92 -9.75 14.84
N TYR B 377 -4.22 -8.56 14.33
CA TYR B 377 -5.58 -8.15 14.04
C TYR B 377 -5.62 -7.50 12.67
N ARG B 378 -6.78 -7.57 12.01
CA ARG B 378 -6.92 -6.98 10.70
C ARG B 378 -8.35 -6.47 10.52
N ARG B 379 -8.48 -5.28 9.95
CA ARG B 379 -9.78 -4.68 9.69
C ARG B 379 -9.70 -3.98 8.34
N VAL B 380 -10.44 -4.48 7.36
CA VAL B 380 -10.38 -3.98 5.98
C VAL B 380 -11.51 -2.99 5.80
N ASN B 381 -11.20 -1.71 5.82
CA ASN B 381 -12.17 -0.69 5.47
C ASN B 381 -12.29 -0.60 3.96
N PRO B 382 -13.49 -0.80 3.39
CA PRO B 382 -13.58 -0.94 1.93
C PRO B 382 -13.09 0.28 1.15
N MET B 383 -13.29 1.49 1.67
CA MET B 383 -13.01 2.69 0.89
C MET B 383 -11.81 3.49 1.42
N HIS B 384 -11.21 3.07 2.53
CA HIS B 384 -10.09 3.83 3.10
C HIS B 384 -8.79 3.05 3.11
N GLY B 385 -8.78 1.83 3.66
CA GLY B 385 -7.56 1.06 3.67
C GLY B 385 -7.67 -0.13 4.60
N VAL B 386 -6.51 -0.64 5.02
CA VAL B 386 -6.40 -1.82 5.86
C VAL B 386 -5.65 -1.45 7.13
N GLU B 387 -6.19 -1.86 8.27
CA GLU B 387 -5.58 -1.60 9.58
C GLU B 387 -5.06 -2.90 10.17
N TYR B 388 -3.81 -2.88 10.63
CA TYR B 388 -3.18 -4.04 11.25
C TYR B 388 -2.81 -3.70 12.69
N ILE B 389 -2.85 -4.72 13.55
CA ILE B 389 -2.32 -4.63 14.91
C ILE B 389 -1.46 -5.87 15.11
N LEU B 390 -0.17 -5.75 14.86
CA LEU B 390 0.74 -6.89 14.87
C LEU B 390 1.58 -6.87 16.13
N ASP B 391 1.59 -7.97 16.86
CA ASP B 391 2.42 -8.14 18.05
C ASP B 391 3.65 -8.96 17.67
N LEU B 392 4.63 -8.27 17.09
CA LEU B 392 5.81 -8.94 16.57
C LEU B 392 6.73 -9.39 17.70
N LEU B 393 7.69 -10.23 17.34
CA LEU B 393 8.74 -10.69 18.25
C LEU B 393 10.07 -10.26 17.63
N LEU B 394 10.49 -9.04 17.93
CA LEU B 394 11.66 -8.45 17.31
C LEU B 394 12.91 -8.74 18.13
N LEU B 395 14.06 -8.68 17.45
CA LEU B 395 15.36 -8.92 18.07
C LEU B 395 16.26 -7.73 17.82
N TYR B 396 16.90 -7.24 18.88
CA TYR B 396 17.78 -6.08 18.77
C TYR B 396 19.21 -6.51 18.44
N PRO B 407 15.31 -10.23 21.81
CA PRO B 407 14.06 -10.98 21.97
C PRO B 407 13.02 -10.20 22.77
N VAL B 408 12.55 -9.08 22.21
CA VAL B 408 11.59 -8.21 22.88
C VAL B 408 10.41 -7.99 21.95
N ARG B 409 9.20 -8.11 22.49
CA ARG B 409 7.99 -7.90 21.71
C ARG B 409 7.73 -6.42 21.50
N ARG B 410 7.07 -6.09 20.40
CA ARG B 410 6.76 -4.71 20.07
C ARG B 410 5.48 -4.66 19.25
N HIS B 411 4.50 -3.89 19.72
CA HIS B 411 3.27 -3.68 18.97
C HIS B 411 3.51 -2.76 17.78
N ALA B 412 2.55 -2.77 16.86
CA ALA B 412 2.59 -1.87 15.71
C ALA B 412 1.16 -1.72 15.19
N TYR B 413 0.59 -0.53 15.36
CA TYR B 413 -0.76 -0.25 14.87
C TYR B 413 -0.65 0.26 13.43
N LEU B 414 -0.52 -0.69 12.52
CA LEU B 414 -0.24 -0.37 11.13
C LEU B 414 -1.49 0.14 10.41
N GLN B 415 -1.26 0.74 9.25
CA GLN B 415 -2.33 1.27 8.42
C GLN B 415 -1.84 1.30 6.98
N GLN B 416 -2.64 0.77 6.07
CA GLN B 416 -2.28 0.69 4.65
C GLN B 416 -3.41 1.33 3.84
N LEU B 417 -3.25 2.61 3.52
CA LEU B 417 -4.30 3.36 2.86
C LEU B 417 -4.38 3.01 1.37
N PHE B 418 -5.51 3.37 0.76
CA PHE B 418 -5.73 3.17 -0.66
C PHE B 418 -5.40 4.45 -1.41
N SER B 419 -4.65 4.32 -2.50
CA SER B 419 -4.29 5.47 -3.31
C SER B 419 -5.45 5.82 -4.24
N LYS B 420 -5.20 6.68 -5.22
CA LYS B 420 -6.25 7.07 -6.15
C LYS B 420 -6.70 5.85 -6.97
N PRO B 421 -7.98 5.57 -7.04
CA PRO B 421 -8.44 4.38 -7.77
C PRO B 421 -8.13 4.47 -9.25
N PHE B 422 -7.81 3.33 -9.84
CA PHE B 422 -7.61 3.23 -11.28
C PHE B 422 -8.91 2.83 -11.96
N PHE B 423 -8.95 3.02 -13.27
CA PHE B 423 -10.17 2.82 -14.04
C PHE B 423 -9.83 2.25 -15.40
N ARG B 424 -10.72 1.39 -15.90
CA ARG B 424 -10.53 0.77 -17.21
C ARG B 424 -11.86 0.20 -17.68
N GLU B 425 -12.20 0.46 -18.94
CA GLU B 425 -13.38 -0.14 -19.55
C GLU B 425 -12.99 -1.48 -20.18
N THR B 426 -13.78 -2.51 -19.88
CA THR B 426 -13.46 -3.84 -20.38
C THR B 426 -13.49 -3.88 -21.90
N GLU B 427 -14.48 -3.25 -22.52
CA GLU B 427 -14.60 -3.22 -23.98
C GLU B 427 -14.74 -1.76 -24.42
N GLU B 428 -13.63 -1.17 -24.86
CA GLU B 428 -13.66 0.18 -25.39
C GLU B 428 -14.45 0.22 -26.69
N LEU B 429 -15.20 1.30 -26.89
CA LEU B 429 -16.06 1.46 -28.06
C LEU B 429 -15.57 2.60 -28.94
N ASP B 430 -16.06 2.60 -30.18
CA ASP B 430 -15.74 3.66 -31.13
C ASP B 430 -16.68 4.83 -30.85
N VAL B 431 -16.13 5.90 -30.24
CA VAL B 431 -16.95 7.06 -29.91
C VAL B 431 -17.45 7.74 -31.17
N ASN B 432 -16.59 7.84 -32.20
CA ASN B 432 -16.99 8.52 -33.43
C ASN B 432 -18.13 7.78 -34.13
N SER B 433 -18.05 6.45 -34.19
CA SER B 433 -19.10 5.68 -34.84
C SER B 433 -20.38 5.62 -34.02
N LEU B 434 -20.30 5.87 -32.71
CA LEU B 434 -21.48 5.81 -31.87
C LEU B 434 -22.38 7.03 -32.06
N VAL B 435 -21.77 8.22 -32.17
CA VAL B 435 -22.56 9.46 -32.22
C VAL B 435 -23.38 9.53 -33.51
N GLU B 436 -22.84 9.02 -34.62
CA GLU B 436 -23.60 9.02 -35.87
C GLU B 436 -24.78 8.06 -35.80
N SER B 437 -24.59 6.91 -35.14
CA SER B 437 -25.68 5.96 -34.97
C SER B 437 -26.80 6.55 -34.11
N ILE B 438 -26.44 7.26 -33.05
CA ILE B 438 -27.45 7.87 -32.18
C ILE B 438 -28.24 8.92 -32.95
N ASN B 439 -27.55 9.74 -33.76
CA ASN B 439 -28.25 10.73 -34.56
C ASN B 439 -29.18 10.07 -35.58
N SER B 440 -28.73 8.97 -36.18
CA SER B 440 -29.54 8.25 -37.15
C SER B 440 -30.65 7.46 -36.46
N HIS B 467 -32.82 -9.94 -29.56
CA HIS B 467 -31.59 -10.32 -28.87
C HIS B 467 -30.66 -11.07 -29.81
N ASN B 468 -29.48 -10.51 -30.05
CA ASN B 468 -28.49 -11.09 -30.97
C ASN B 468 -27.12 -11.15 -30.31
N GLU B 469 -27.09 -11.47 -29.02
CA GLU B 469 -25.84 -11.61 -28.30
C GLU B 469 -25.31 -13.03 -28.47
N LYS B 470 -24.29 -13.40 -27.69
CA LYS B 470 -23.71 -14.73 -27.78
C LYS B 470 -24.72 -15.78 -27.35
N LYS B 471 -24.83 -16.85 -28.14
CA LYS B 471 -25.76 -17.92 -27.83
C LYS B 471 -25.28 -18.71 -26.62
N VAL B 472 -26.19 -19.00 -25.70
CA VAL B 472 -25.90 -19.81 -24.53
C VAL B 472 -26.54 -21.17 -24.75
N HIS B 473 -25.72 -22.22 -24.66
CA HIS B 473 -26.19 -23.59 -24.82
C HIS B 473 -26.47 -24.18 -23.45
N ILE B 474 -27.74 -24.55 -23.21
CA ILE B 474 -28.19 -25.06 -21.92
C ILE B 474 -28.12 -26.59 -21.96
N LEU B 475 -27.32 -27.16 -21.09
CA LEU B 475 -27.18 -28.61 -20.97
C LEU B 475 -27.88 -29.06 -19.70
N VAL B 476 -28.86 -29.95 -19.84
CA VAL B 476 -29.66 -30.39 -18.70
C VAL B 476 -29.59 -31.91 -18.60
N PRO B 477 -28.70 -32.47 -17.80
CA PRO B 477 -28.75 -33.91 -17.54
C PRO B 477 -30.04 -34.28 -16.81
N LEU B 478 -30.57 -35.46 -17.13
CA LEU B 478 -31.88 -35.85 -16.63
C LEU B 478 -31.88 -37.29 -16.16
N ILE B 479 -32.72 -37.57 -15.16
CA ILE B 479 -33.17 -38.91 -14.85
C ILE B 479 -34.57 -38.81 -14.23
N GLY B 480 -35.56 -39.38 -14.91
CA GLY B 480 -36.93 -39.34 -14.41
C GLY B 480 -37.42 -37.92 -14.20
N ARG B 481 -38.16 -37.72 -13.11
CA ARG B 481 -38.61 -36.41 -12.67
C ARG B 481 -39.45 -35.71 -13.75
N TYR B 482 -40.61 -36.31 -14.04
CA TYR B 482 -41.50 -35.76 -15.06
C TYR B 482 -42.04 -34.40 -14.63
N ASP B 483 -42.55 -34.30 -13.41
CA ASP B 483 -43.20 -33.06 -12.97
C ASP B 483 -42.21 -31.90 -12.95
N ILE B 484 -41.00 -32.13 -12.43
CA ILE B 484 -40.00 -31.08 -12.41
C ILE B 484 -39.58 -30.71 -13.83
N PHE B 485 -39.52 -31.70 -14.72
CA PHE B 485 -39.23 -31.42 -16.12
C PHE B 485 -40.28 -30.49 -16.73
N LEU B 486 -41.56 -30.79 -16.49
CA LEU B 486 -42.62 -29.98 -17.07
C LEU B 486 -42.59 -28.56 -16.50
N ARG B 487 -42.39 -28.44 -15.18
CA ARG B 487 -42.29 -27.12 -14.58
C ARG B 487 -41.10 -26.35 -15.14
N PHE B 488 -39.95 -27.02 -15.27
CA PHE B 488 -38.77 -26.37 -15.80
C PHE B 488 -39.01 -25.86 -17.20
N MET B 489 -39.62 -26.67 -18.06
CA MET B 489 -39.77 -26.22 -19.44
C MET B 489 -40.88 -25.18 -19.59
N GLU B 490 -41.90 -25.25 -18.72
CA GLU B 490 -42.86 -24.14 -18.66
C GLU B 490 -42.16 -22.82 -18.33
N ASN B 491 -41.32 -22.82 -17.30
CA ASN B 491 -40.57 -21.61 -16.98
C ASN B 491 -39.66 -21.21 -18.13
N PHE B 492 -38.99 -22.18 -18.74
CA PHE B 492 -38.04 -21.89 -19.81
C PHE B 492 -38.75 -21.26 -21.01
N GLU B 493 -39.89 -21.83 -21.40
CA GLU B 493 -40.62 -21.26 -22.53
C GLU B 493 -41.17 -19.88 -22.20
N ASN B 494 -41.72 -19.72 -20.99
CA ASN B 494 -42.29 -18.43 -20.61
C ASN B 494 -41.24 -17.33 -20.53
N MET B 495 -40.00 -17.70 -20.21
CA MET B 495 -38.96 -16.68 -20.01
C MET B 495 -38.03 -16.52 -21.21
N CYS B 496 -37.96 -17.51 -22.12
CA CYS B 496 -37.09 -17.44 -23.28
C CYS B 496 -37.85 -17.49 -24.60
N LEU B 497 -38.78 -18.43 -24.76
CA LEU B 497 -39.31 -18.72 -26.09
C LEU B 497 -40.19 -17.58 -26.60
N ILE B 498 -41.20 -17.20 -25.82
CA ILE B 498 -42.01 -16.03 -26.19
C ILE B 498 -41.16 -14.76 -26.26
N PRO B 499 -40.27 -14.46 -25.30
CA PRO B 499 -39.35 -13.33 -25.50
C PRO B 499 -38.35 -13.55 -26.61
N LYS B 500 -38.28 -14.74 -27.20
CA LYS B 500 -37.34 -15.06 -28.29
C LYS B 500 -35.90 -14.80 -27.88
N GLN B 501 -35.56 -15.18 -26.65
CA GLN B 501 -34.20 -15.04 -26.16
C GLN B 501 -33.26 -15.95 -26.96
N ASN B 502 -32.07 -15.44 -27.25
CA ASN B 502 -31.08 -16.16 -28.05
C ASN B 502 -30.44 -17.24 -27.19
N VAL B 503 -31.10 -18.39 -27.11
CA VAL B 503 -30.58 -19.54 -26.38
C VAL B 503 -30.81 -20.79 -27.19
N LYS B 504 -30.03 -21.83 -26.87
CA LYS B 504 -30.22 -23.17 -27.43
C LYS B 504 -30.32 -24.14 -26.27
N LEU B 505 -31.40 -24.91 -26.24
CA LEU B 505 -31.68 -25.84 -25.15
C LEU B 505 -31.31 -27.25 -25.59
N VAL B 506 -30.45 -27.91 -24.81
CA VAL B 506 -30.07 -29.29 -25.04
C VAL B 506 -30.52 -30.10 -23.84
N ILE B 507 -31.39 -31.08 -24.07
CA ILE B 507 -31.93 -31.92 -23.02
C ILE B 507 -31.19 -33.25 -23.04
N ILE B 508 -30.45 -33.53 -21.98
CA ILE B 508 -29.69 -34.77 -21.86
C ILE B 508 -30.53 -35.71 -20.99
N LEU B 509 -31.15 -36.70 -21.63
CA LEU B 509 -32.09 -37.60 -20.97
C LEU B 509 -31.48 -38.98 -20.86
N PHE B 510 -31.51 -39.54 -19.65
CA PHE B 510 -31.00 -40.88 -19.41
C PHE B 510 -32.17 -41.84 -19.46
N SER B 511 -32.23 -42.65 -20.52
CA SER B 511 -33.33 -43.59 -20.73
C SER B 511 -33.15 -44.78 -19.81
N ARG B 512 -33.58 -44.60 -18.55
CA ARG B 512 -33.51 -45.67 -17.58
C ARG B 512 -34.50 -46.78 -17.95
N ASP B 513 -34.00 -48.02 -17.94
CA ASP B 513 -34.74 -49.21 -18.38
C ASP B 513 -35.15 -49.15 -19.84
N SER B 514 -34.58 -48.22 -20.61
CA SER B 514 -34.82 -48.10 -22.05
C SER B 514 -36.32 -47.94 -22.35
N GLY B 515 -36.89 -46.87 -21.84
CA GLY B 515 -38.28 -46.56 -22.08
C GLY B 515 -38.87 -45.80 -20.90
N GLN B 516 -40.09 -46.19 -20.53
CA GLN B 516 -40.83 -45.62 -19.40
C GLN B 516 -41.06 -44.14 -19.69
N ASP B 517 -40.54 -43.22 -18.88
CA ASP B 517 -40.80 -41.79 -19.04
C ASP B 517 -40.18 -41.20 -20.29
N SER B 518 -39.30 -41.95 -20.97
CA SER B 518 -38.62 -41.41 -22.15
C SER B 518 -39.62 -41.07 -23.25
N SER B 519 -40.63 -41.91 -23.46
CA SER B 519 -41.61 -41.65 -24.52
C SER B 519 -42.39 -40.38 -24.25
N LYS B 520 -42.86 -40.19 -23.01
CA LYS B 520 -43.61 -38.98 -22.69
C LYS B 520 -42.72 -37.75 -22.75
N HIS B 521 -41.46 -37.87 -22.32
CA HIS B 521 -40.53 -36.76 -22.46
C HIS B 521 -40.31 -36.39 -23.92
N ILE B 522 -40.18 -37.39 -24.79
CA ILE B 522 -40.02 -37.14 -26.21
C ILE B 522 -41.26 -36.46 -26.77
N GLU B 523 -42.44 -36.91 -26.36
CA GLU B 523 -43.67 -36.30 -26.85
C GLU B 523 -43.75 -34.83 -26.44
N LEU B 524 -43.45 -34.54 -25.18
CA LEU B 524 -43.48 -33.15 -24.72
C LEU B 524 -42.46 -32.31 -25.47
N ILE B 525 -41.26 -32.86 -25.66
CA ILE B 525 -40.20 -32.12 -26.35
C ILE B 525 -40.62 -31.82 -27.78
N LYS B 526 -41.17 -32.82 -28.47
CA LYS B 526 -41.59 -32.63 -29.85
C LYS B 526 -42.73 -31.62 -29.95
N GLY B 527 -43.69 -31.68 -29.03
CA GLY B 527 -44.78 -30.70 -29.05
C GLY B 527 -44.27 -29.29 -28.84
N TYR B 528 -43.38 -29.10 -27.88
CA TYR B 528 -42.76 -27.79 -27.68
C TYR B 528 -41.91 -27.38 -28.88
N GLN B 529 -41.37 -28.36 -29.62
CA GLN B 529 -40.56 -28.03 -30.79
C GLN B 529 -41.42 -27.49 -31.92
N ASN B 530 -42.53 -28.16 -32.25
CA ASN B 530 -43.32 -27.63 -33.36
C ASN B 530 -44.20 -26.47 -32.93
N LYS B 531 -44.42 -26.30 -31.63
CA LYS B 531 -45.13 -25.11 -31.17
C LYS B 531 -44.33 -23.85 -31.46
N TYR B 532 -43.01 -23.91 -31.25
CA TYR B 532 -42.10 -22.81 -31.61
C TYR B 532 -41.10 -23.34 -32.62
N PRO B 533 -41.31 -23.12 -33.92
CA PRO B 533 -40.43 -23.76 -34.92
C PRO B 533 -39.08 -23.07 -35.11
N LYS B 534 -38.92 -21.84 -34.63
CA LYS B 534 -37.62 -21.19 -34.64
C LYS B 534 -36.78 -21.50 -33.41
N ALA B 535 -37.34 -22.21 -32.44
CA ALA B 535 -36.60 -22.58 -31.24
C ALA B 535 -35.56 -23.64 -31.56
N GLU B 536 -34.56 -23.74 -30.68
CA GLU B 536 -33.49 -24.71 -30.81
C GLU B 536 -33.52 -25.61 -29.58
N MET B 537 -34.24 -26.72 -29.69
CA MET B 537 -34.40 -27.68 -28.59
C MET B 537 -34.03 -29.06 -29.09
N THR B 538 -33.02 -29.68 -28.47
CA THR B 538 -32.52 -30.98 -28.88
C THR B 538 -32.45 -31.91 -27.69
N LEU B 539 -32.83 -33.17 -27.91
CA LEU B 539 -32.76 -34.21 -26.90
C LEU B 539 -31.85 -35.32 -27.39
N ILE B 540 -30.89 -35.72 -26.56
CA ILE B 540 -29.92 -36.76 -26.89
C ILE B 540 -30.28 -37.99 -26.04
N PRO B 541 -30.63 -39.11 -26.67
CA PRO B 541 -31.03 -40.30 -25.89
C PRO B 541 -29.86 -41.01 -25.23
N MET B 542 -29.46 -40.52 -24.06
CA MET B 542 -28.42 -41.18 -23.29
C MET B 542 -28.83 -42.59 -22.86
N LYS B 543 -27.83 -43.44 -22.69
CA LYS B 543 -27.99 -44.80 -22.19
C LYS B 543 -27.08 -44.98 -20.96
N GLY B 544 -27.17 -46.17 -20.36
CA GLY B 544 -26.34 -46.46 -19.21
C GLY B 544 -26.89 -45.87 -17.93
N GLU B 545 -26.10 -46.02 -16.86
CA GLU B 545 -26.50 -45.53 -15.55
C GLU B 545 -26.33 -44.02 -15.46
N PHE B 546 -26.77 -43.47 -14.33
CA PHE B 546 -26.72 -42.02 -14.15
C PHE B 546 -25.28 -41.55 -13.95
N SER B 547 -24.90 -40.53 -14.71
CA SER B 547 -23.57 -39.94 -14.59
C SER B 547 -23.64 -38.53 -15.18
N ARG B 548 -23.55 -37.52 -14.32
CA ARG B 548 -23.58 -36.14 -14.80
C ARG B 548 -22.38 -35.84 -15.70
N GLY B 549 -21.19 -36.28 -15.31
CA GLY B 549 -20.00 -35.94 -16.05
C GLY B 549 -19.99 -36.52 -17.46
N LEU B 550 -20.34 -37.79 -17.59
CA LEU B 550 -20.30 -38.45 -18.90
C LEU B 550 -21.31 -37.82 -19.86
N GLY B 551 -22.54 -37.61 -19.38
CA GLY B 551 -23.54 -36.98 -20.23
C GLY B 551 -23.17 -35.57 -20.63
N LEU B 552 -22.66 -34.79 -19.67
CA LEU B 552 -22.23 -33.43 -19.99
C LEU B 552 -21.09 -33.45 -21.01
N GLU B 553 -20.13 -34.35 -20.83
CA GLU B 553 -18.98 -34.40 -21.74
C GLU B 553 -19.41 -34.75 -23.15
N MET B 554 -20.28 -35.76 -23.32
CA MET B 554 -20.65 -36.12 -24.68
C MET B 554 -21.61 -35.09 -25.28
N ALA B 555 -22.43 -34.44 -24.46
CA ALA B 555 -23.24 -33.34 -24.97
C ALA B 555 -22.36 -32.20 -25.47
N SER B 556 -21.26 -31.93 -24.76
CA SER B 556 -20.37 -30.85 -25.17
C SER B 556 -19.53 -31.22 -26.38
N ALA B 557 -19.16 -32.51 -26.49
CA ALA B 557 -18.23 -32.94 -27.54
C ALA B 557 -18.75 -32.67 -28.94
N GLN B 558 -20.07 -32.57 -29.12
CA GLN B 558 -20.62 -32.30 -30.45
C GLN B 558 -20.57 -30.83 -30.82
N PHE B 559 -20.16 -29.95 -29.91
CA PHE B 559 -20.05 -28.53 -30.17
C PHE B 559 -18.60 -28.11 -30.30
N ASP B 560 -18.37 -27.08 -31.12
CA ASP B 560 -17.03 -26.56 -31.35
C ASP B 560 -16.52 -25.82 -30.12
N ASN B 561 -15.21 -25.54 -30.13
CA ASN B 561 -14.53 -24.98 -28.95
C ASN B 561 -14.68 -23.48 -28.82
N ASP B 562 -15.61 -22.85 -29.53
CA ASP B 562 -15.93 -21.43 -29.33
C ASP B 562 -17.42 -21.26 -29.06
N THR B 563 -17.99 -22.16 -28.29
CA THR B 563 -19.39 -22.12 -27.91
C THR B 563 -19.52 -21.93 -26.41
N LEU B 564 -20.53 -21.17 -25.99
CA LEU B 564 -20.79 -20.92 -24.58
C LEU B 564 -21.71 -22.00 -24.04
N LEU B 565 -21.20 -22.80 -23.11
CA LEU B 565 -21.94 -23.92 -22.54
C LEU B 565 -22.34 -23.59 -21.12
N LEU B 566 -23.62 -23.81 -20.80
CA LEU B 566 -24.16 -23.61 -19.46
C LEU B 566 -24.56 -24.95 -18.89
N PHE B 567 -23.98 -25.30 -17.74
CA PHE B 567 -24.27 -26.58 -17.07
C PHE B 567 -25.46 -26.40 -16.14
N CYS B 568 -26.61 -26.15 -16.74
CA CYS B 568 -27.83 -25.88 -15.98
C CYS B 568 -28.37 -27.18 -15.39
N ASP B 569 -29.32 -27.03 -14.46
CA ASP B 569 -29.94 -28.14 -13.77
C ASP B 569 -31.46 -28.05 -13.94
N VAL B 570 -32.11 -29.22 -13.92
CA VAL B 570 -33.53 -29.29 -14.22
C VAL B 570 -34.35 -28.57 -13.16
N ASP B 571 -33.98 -28.69 -11.89
CA ASP B 571 -34.72 -28.07 -10.79
C ASP B 571 -34.25 -26.64 -10.55
N LEU B 572 -34.23 -25.84 -11.60
CA LEU B 572 -33.78 -24.45 -11.54
C LEU B 572 -34.72 -23.57 -12.34
N ILE B 573 -34.85 -22.32 -11.91
CA ILE B 573 -35.63 -21.31 -12.62
C ILE B 573 -34.82 -20.03 -12.68
N PHE B 574 -34.65 -19.47 -13.87
CA PHE B 574 -33.81 -18.31 -14.07
C PHE B 574 -34.49 -17.31 -14.99
N ARG B 575 -34.06 -16.07 -14.89
CA ARG B 575 -34.51 -14.98 -15.75
C ARG B 575 -33.38 -14.55 -16.66
N GLU B 576 -33.66 -13.55 -17.52
CA GLU B 576 -32.67 -13.06 -18.45
C GLU B 576 -31.47 -12.44 -17.76
N ASP B 577 -31.64 -12.00 -16.50
CA ASP B 577 -30.51 -11.45 -15.76
C ASP B 577 -29.41 -12.49 -15.59
N PHE B 578 -29.78 -13.73 -15.28
CA PHE B 578 -28.80 -14.79 -15.15
C PHE B 578 -28.11 -15.05 -16.48
N LEU B 579 -28.85 -15.03 -17.58
CA LEU B 579 -28.26 -15.26 -18.89
C LEU B 579 -27.24 -14.17 -19.23
N GLN B 580 -27.60 -12.91 -18.96
CA GLN B 580 -26.67 -11.81 -19.22
C GLN B 580 -25.43 -11.92 -18.34
N ARG B 581 -25.62 -12.28 -17.06
CA ARG B 581 -24.48 -12.45 -16.17
C ARG B 581 -23.57 -13.58 -16.64
N CYS B 582 -24.17 -14.67 -17.12
CA CYS B 582 -23.37 -15.78 -17.66
C CYS B 582 -22.59 -15.36 -18.89
N ARG B 583 -23.22 -14.61 -19.79
CA ARG B 583 -22.53 -14.14 -20.98
C ARG B 583 -21.37 -13.23 -20.62
N ASP B 584 -21.58 -12.28 -19.70
CA ASP B 584 -20.57 -11.29 -19.39
C ASP B 584 -19.44 -11.86 -18.53
N ASN B 585 -19.77 -12.74 -17.59
CA ASN B 585 -18.79 -13.22 -16.62
C ASN B 585 -17.91 -14.33 -17.16
N THR B 586 -18.17 -14.84 -18.35
CA THR B 586 -17.39 -15.91 -18.94
C THR B 586 -16.54 -15.33 -20.06
N ILE B 587 -15.23 -15.35 -19.87
CA ILE B 587 -14.27 -14.88 -20.87
C ILE B 587 -13.57 -16.11 -21.44
N GLN B 588 -13.64 -16.27 -22.76
CA GLN B 588 -13.07 -17.43 -23.41
C GLN B 588 -11.55 -17.48 -23.21
N GLY B 589 -11.09 -18.48 -22.46
CA GLY B 589 -9.68 -18.62 -22.17
C GLY B 589 -9.20 -17.91 -20.93
N GLN B 590 -10.04 -17.09 -20.31
CA GLN B 590 -9.62 -16.33 -19.13
C GLN B 590 -10.48 -16.59 -17.90
N GLN B 591 -11.80 -16.61 -18.04
CA GLN B 591 -12.70 -16.64 -16.89
C GLN B 591 -13.74 -17.74 -17.04
N VAL B 592 -14.11 -18.33 -15.90
CA VAL B 592 -15.18 -19.31 -15.82
C VAL B 592 -16.16 -18.85 -14.76
N TYR B 593 -17.45 -18.82 -15.10
CA TYR B 593 -18.49 -18.39 -14.17
C TYR B 593 -18.92 -19.57 -13.31
N TYR B 594 -18.81 -19.42 -12.00
CA TYR B 594 -19.15 -20.46 -11.03
C TYR B 594 -20.07 -19.85 -9.99
N PRO B 595 -21.35 -19.66 -10.32
CA PRO B 595 -22.25 -18.94 -9.42
C PRO B 595 -22.54 -19.72 -8.15
N ILE B 596 -22.82 -18.98 -7.09
CA ILE B 596 -23.26 -19.55 -5.82
C ILE B 596 -24.78 -19.59 -5.86
N ILE B 597 -25.34 -20.78 -6.05
CA ILE B 597 -26.76 -20.93 -6.31
C ILE B 597 -27.54 -20.73 -5.01
N PHE B 598 -28.62 -19.95 -5.08
CA PHE B 598 -29.52 -19.80 -3.95
C PHE B 598 -30.46 -21.01 -3.91
N SER B 599 -30.36 -21.79 -2.83
CA SER B 599 -31.16 -23.00 -2.67
C SER B 599 -32.37 -22.70 -1.80
N GLN B 600 -33.55 -22.93 -2.34
CA GLN B 600 -34.78 -22.63 -1.61
C GLN B 600 -34.99 -23.64 -0.49
N TYR B 601 -35.32 -23.14 0.70
CA TYR B 601 -35.62 -24.01 1.82
C TYR B 601 -36.96 -24.71 1.62
N ASP B 602 -37.13 -25.81 2.33
CA ASP B 602 -38.37 -26.59 2.22
C ASP B 602 -39.53 -25.81 2.81
N PRO B 603 -40.61 -25.59 2.05
CA PRO B 603 -41.80 -24.87 2.53
C PRO B 603 -42.52 -25.62 3.65
N TYR B 616 -39.64 -18.85 -5.08
CA TYR B 616 -39.68 -17.49 -5.60
C TYR B 616 -38.33 -16.81 -5.45
N PHE B 617 -38.22 -15.60 -5.99
CA PHE B 617 -36.96 -14.86 -5.99
C PHE B 617 -36.80 -13.96 -4.77
N ILE B 618 -37.74 -13.99 -3.83
CA ILE B 618 -37.60 -13.19 -2.61
C ILE B 618 -36.56 -13.86 -1.72
N PHE B 619 -35.50 -13.13 -1.40
CA PHE B 619 -34.39 -13.67 -0.63
C PHE B 619 -34.58 -13.35 0.84
N SER B 620 -34.71 -14.38 1.66
CA SER B 620 -34.90 -14.22 3.10
C SER B 620 -34.27 -15.40 3.81
N LYS B 621 -34.06 -15.23 5.12
CA LYS B 621 -33.44 -16.28 5.91
C LYS B 621 -34.28 -17.54 5.91
N LYS B 622 -35.60 -17.40 6.02
CA LYS B 622 -36.48 -18.56 6.00
C LYS B 622 -36.67 -19.11 4.59
N THR B 623 -36.64 -18.26 3.58
CA THR B 623 -36.87 -18.72 2.21
C THR B 623 -35.78 -19.67 1.73
N GLY B 624 -34.53 -19.36 2.05
CA GLY B 624 -33.44 -20.21 1.59
C GLY B 624 -32.11 -19.70 2.07
N PHE B 625 -31.05 -20.16 1.40
CA PHE B 625 -29.69 -19.81 1.77
C PHE B 625 -28.79 -19.96 0.56
N TRP B 626 -27.61 -19.34 0.64
CA TRP B 626 -26.63 -19.44 -0.42
C TRP B 626 -25.85 -20.74 -0.30
N ARG B 627 -25.82 -21.51 -1.39
CA ARG B 627 -25.13 -22.79 -1.42
C ARG B 627 -23.68 -22.55 -1.84
N ASP B 628 -22.83 -22.27 -0.86
CA ASP B 628 -21.42 -22.03 -1.15
C ASP B 628 -20.77 -23.30 -1.71
N TYR B 629 -21.06 -24.44 -1.10
CA TYR B 629 -20.43 -25.70 -1.48
C TYR B 629 -20.93 -26.26 -2.79
N GLY B 630 -21.81 -25.57 -3.49
CA GLY B 630 -22.36 -26.08 -4.74
C GLY B 630 -21.68 -25.53 -5.98
N TYR B 631 -20.90 -26.36 -6.66
CA TYR B 631 -20.22 -25.97 -7.89
C TYR B 631 -20.85 -26.61 -9.12
N GLY B 632 -22.09 -27.09 -8.99
CA GLY B 632 -22.71 -27.80 -10.11
C GLY B 632 -22.97 -26.92 -11.31
N ILE B 633 -23.51 -25.72 -11.08
CA ILE B 633 -23.87 -24.82 -12.17
C ILE B 633 -22.62 -24.13 -12.68
N THR B 634 -22.39 -24.22 -13.98
CA THR B 634 -21.18 -23.67 -14.61
C THR B 634 -21.52 -23.05 -15.94
N CYS B 635 -20.94 -21.89 -16.21
CA CYS B 635 -21.01 -21.24 -17.51
C CYS B 635 -19.57 -21.18 -18.04
N ILE B 636 -19.20 -22.15 -18.87
CA ILE B 636 -17.82 -22.31 -19.31
C ILE B 636 -17.81 -22.51 -20.82
N TYR B 637 -16.78 -21.98 -21.47
CA TYR B 637 -16.61 -22.19 -22.91
C TYR B 637 -16.10 -23.60 -23.17
N LYS B 638 -16.38 -24.11 -24.37
CA LYS B 638 -15.98 -25.46 -24.71
C LYS B 638 -14.46 -25.61 -24.72
N SER B 639 -13.76 -24.62 -25.26
CA SER B 639 -12.29 -24.67 -25.27
C SER B 639 -11.75 -24.69 -23.85
N ASP B 640 -12.33 -23.90 -22.95
CA ASP B 640 -11.89 -23.88 -21.57
C ASP B 640 -12.12 -25.23 -20.91
N LEU B 641 -13.27 -25.85 -21.19
CA LEU B 641 -13.55 -27.17 -20.64
C LEU B 641 -12.55 -28.21 -21.15
N LEU B 642 -12.22 -28.16 -22.44
CA LEU B 642 -11.24 -29.08 -22.99
C LEU B 642 -9.87 -28.86 -22.37
N GLY B 643 -9.48 -27.59 -22.21
CA GLY B 643 -8.20 -27.30 -21.58
C GLY B 643 -8.13 -27.76 -20.14
N ALA B 644 -9.26 -27.69 -19.42
CA ALA B 644 -9.32 -28.21 -18.07
C ALA B 644 -9.29 -29.73 -18.03
N GLY B 645 -9.42 -30.40 -19.17
CA GLY B 645 -9.37 -31.84 -19.24
C GLY B 645 -10.71 -32.53 -19.16
N GLY B 646 -11.79 -31.79 -18.90
CA GLY B 646 -13.10 -32.39 -18.82
C GLY B 646 -13.31 -33.16 -17.52
N PHE B 647 -14.45 -33.83 -17.46
CA PHE B 647 -14.82 -34.60 -16.29
C PHE B 647 -14.05 -35.91 -16.24
N ASP B 648 -13.77 -36.37 -15.01
CA ASP B 648 -13.05 -37.62 -14.84
C ASP B 648 -13.87 -38.83 -15.26
N THR B 649 -15.20 -38.76 -15.05
CA THR B 649 -16.11 -39.87 -15.37
C THR B 649 -15.66 -41.16 -14.69
N SER B 650 -15.24 -41.05 -13.44
CA SER B 650 -14.78 -42.20 -12.67
C SER B 650 -15.38 -42.30 -11.27
N ILE B 651 -15.88 -41.21 -10.71
CA ILE B 651 -16.46 -41.25 -9.36
C ILE B 651 -17.98 -41.34 -9.44
N LEU B 656 -19.29 -34.23 -6.54
CA LEU B 656 -17.85 -34.42 -6.42
C LEU B 656 -17.16 -34.16 -7.76
N GLU B 657 -17.86 -34.48 -8.85
CA GLU B 657 -17.32 -34.22 -10.18
C GLU B 657 -17.16 -32.73 -10.42
N ASP B 658 -18.13 -31.93 -9.94
CA ASP B 658 -18.05 -30.49 -10.11
C ASP B 658 -16.84 -29.91 -9.37
N VAL B 659 -16.54 -30.44 -8.18
CA VAL B 659 -15.38 -29.99 -7.43
C VAL B 659 -14.10 -30.33 -8.19
N ASP B 660 -14.04 -31.52 -8.78
CA ASP B 660 -12.87 -31.90 -9.56
C ASP B 660 -12.70 -31.00 -10.77
N LEU B 661 -13.80 -30.67 -11.45
CA LEU B 661 -13.71 -29.75 -12.58
C LEU B 661 -13.27 -28.37 -12.14
N TYR B 662 -13.74 -27.91 -10.98
CA TYR B 662 -13.31 -26.63 -10.43
C TYR B 662 -11.81 -26.63 -10.16
N ASN B 663 -11.31 -27.71 -9.56
CA ASN B 663 -9.88 -27.81 -9.29
C ASN B 663 -9.06 -27.84 -10.57
N LYS B 664 -9.55 -28.58 -11.57
CA LYS B 664 -8.84 -28.62 -12.85
C LYS B 664 -8.84 -27.26 -13.54
N VAL B 665 -9.95 -26.53 -13.44
CA VAL B 665 -10.01 -25.19 -14.01
C VAL B 665 -9.01 -24.27 -13.32
N ILE B 666 -8.94 -24.36 -11.98
CA ILE B 666 -7.96 -23.56 -11.24
C ILE B 666 -6.54 -23.91 -11.68
N LEU B 667 -6.25 -25.20 -11.81
CA LEU B 667 -4.91 -25.63 -12.19
C LEU B 667 -4.56 -25.22 -13.62
N SER B 668 -5.56 -25.16 -14.50
CA SER B 668 -5.30 -24.83 -15.90
C SER B 668 -4.94 -23.37 -16.11
N GLY B 669 -5.06 -22.53 -15.09
CA GLY B 669 -4.76 -21.12 -15.21
C GLY B 669 -5.97 -20.23 -15.40
N LEU B 670 -7.15 -20.81 -15.61
CA LEU B 670 -8.35 -20.03 -15.77
C LEU B 670 -8.72 -19.36 -14.44
N ARG B 671 -9.46 -18.26 -14.55
CA ARG B 671 -9.87 -17.51 -13.38
C ARG B 671 -11.29 -17.90 -13.00
N PRO B 672 -11.50 -18.59 -11.89
CA PRO B 672 -12.87 -18.92 -11.46
C PRO B 672 -13.55 -17.69 -10.89
N PHE B 673 -14.73 -17.37 -11.41
CA PHE B 673 -15.49 -16.20 -10.98
C PHE B 673 -16.57 -16.68 -10.02
N ARG B 674 -16.23 -16.76 -8.74
CA ARG B 674 -17.17 -17.17 -7.71
C ARG B 674 -17.85 -15.93 -7.14
N SER B 675 -19.18 -15.90 -7.20
CA SER B 675 -19.95 -14.77 -6.71
C SER B 675 -21.39 -15.21 -6.50
N GLN B 676 -22.15 -14.37 -5.82
CA GLN B 676 -23.57 -14.63 -5.62
C GLN B 676 -24.32 -14.54 -6.94
N GLU B 677 -25.44 -15.25 -7.02
CA GLU B 677 -26.26 -15.30 -8.22
C GLU B 677 -27.72 -15.08 -7.80
N VAL B 678 -28.23 -13.86 -8.04
CA VAL B 678 -29.59 -13.53 -7.64
C VAL B 678 -30.61 -13.77 -8.74
N GLY B 679 -30.18 -14.26 -9.91
CA GLY B 679 -31.08 -14.46 -11.02
C GLY B 679 -31.67 -15.84 -11.15
N VAL B 680 -31.22 -16.80 -10.35
CA VAL B 680 -31.71 -18.17 -10.42
C VAL B 680 -31.74 -18.75 -9.02
N VAL B 681 -32.82 -19.47 -8.71
CA VAL B 681 -33.02 -20.10 -7.41
C VAL B 681 -33.32 -21.57 -7.62
N HIS B 682 -32.66 -22.43 -6.85
CA HIS B 682 -32.84 -23.87 -6.95
C HIS B 682 -34.06 -24.28 -6.11
N ILE B 683 -35.10 -24.77 -6.78
CA ILE B 683 -36.31 -25.20 -6.09
C ILE B 683 -36.01 -26.42 -5.23
N PHE B 684 -36.59 -26.45 -4.03
CA PHE B 684 -36.37 -27.56 -3.12
C PHE B 684 -36.92 -28.86 -3.70
N HIS B 685 -36.25 -29.98 -3.37
CA HIS B 685 -36.68 -31.29 -3.77
C HIS B 685 -36.16 -32.29 -2.75
N PRO B 686 -36.96 -33.30 -2.37
CA PRO B 686 -36.55 -34.32 -1.39
C PRO B 686 -35.35 -35.14 -1.86
C1 NAG C . 6.29 22.77 13.70
C2 NAG C . 5.06 22.48 14.54
C3 NAG C . 5.24 21.17 15.29
C4 NAG C . 5.58 20.05 14.32
C5 NAG C . 6.79 20.44 13.47
C6 NAG C . 7.11 19.43 12.39
C7 NAG C . 3.77 24.43 15.33
C8 NAG C . 3.66 25.49 16.37
N2 NAG C . 4.80 23.57 15.46
O3 NAG C . 4.03 20.86 15.98
O4 NAG C . 5.89 18.86 15.04
O5 NAG C . 6.53 21.68 12.80
O6 NAG C . 7.06 20.01 11.11
O7 NAG C . 2.99 24.33 14.39
N1 UDP D . 33.35 -10.70 -21.12
C2 UDP D . 34.13 -10.51 -22.24
N3 UDP D . 34.60 -11.67 -22.82
C4 UDP D . 34.36 -12.96 -22.40
C5 UDP D . 33.54 -13.06 -21.23
C6 UDP D . 33.07 -11.96 -20.64
O2 UDP D . 34.40 -9.40 -22.69
O4 UDP D . 34.84 -13.91 -23.03
C1' UDP D . 32.82 -9.50 -20.45
C2' UDP D . 31.40 -9.67 -19.93
O2' UDP D . 30.46 -9.27 -20.94
C3' UDP D . 31.39 -8.72 -18.74
C4' UDP D . 32.80 -8.89 -18.18
O4' UDP D . 33.63 -9.24 -19.31
O3' UDP D . 31.16 -7.38 -19.13
C5' UDP D . 32.95 -9.95 -17.11
O5' UDP D . 32.00 -11.01 -17.36
PA UDP D . 30.97 -11.48 -16.26
O1A UDP D . 30.43 -10.24 -15.65
O2A UDP D . 29.97 -12.48 -16.83
O3A UDP D . 31.85 -12.27 -15.21
PB UDP D . 31.41 -12.49 -13.71
O1B UDP D . 31.41 -11.08 -13.14
O2B UDP D . 32.57 -13.28 -13.13
O3B UDP D . 30.09 -13.18 -13.61
C1 NAG E . -10.29 -25.87 -29.30
C2 NAG E . -9.30 -26.89 -29.88
C3 NAG E . -8.51 -27.54 -28.76
C4 NAG E . -7.83 -26.47 -27.91
C5 NAG E . -8.86 -25.45 -27.41
C6 NAG E . -8.24 -24.30 -26.67
C7 NAG E . -10.11 -27.81 -32.00
C8 NAG E . -10.85 -28.94 -32.66
N2 NAG E . -9.99 -27.90 -30.68
O3 NAG E . -7.52 -28.41 -29.32
O4 NAG E . -7.19 -27.08 -26.79
O5 NAG E . -9.58 -24.90 -28.52
O6 NAG E . -7.25 -24.74 -25.75
O7 NAG E . -9.65 -26.87 -32.65
C1 NAG F . 36.50 19.39 -2.95
C2 NAG F . 36.20 20.68 -2.18
C3 NAG F . 37.10 21.81 -2.67
C4 NAG F . 38.57 21.40 -2.61
C5 NAG F . 38.77 20.08 -3.36
C6 NAG F . 40.18 19.55 -3.24
C7 NAG F . 34.07 21.42 -1.26
C8 NAG F . 32.64 21.77 -1.55
N2 NAG F . 34.81 21.05 -2.30
O3 NAG F . 36.89 22.96 -1.88
O4 NAG F . 39.39 22.40 -3.19
O5 NAG F . 37.89 19.07 -2.84
O6 NAG F . 40.26 18.55 -2.22
O7 NAG F . 34.52 21.47 -0.12
MN MN G . 29.29 -10.10 -13.91
MN MN H . -31.19 -30.22 -7.02
#